data_6UH7
#
_entry.id   6UH7
#
loop_
_entity.id
_entity.type
_entity.pdbx_description
1 polymer VP1
2 polymer VP2
3 polymer VP3
4 polymer VP4
5 non-polymer SPHINGOSINE
#
loop_
_entity_poly.entity_id
_entity_poly.type
_entity_poly.pdbx_seq_one_letter_code
_entity_poly.pdbx_strand_id
1 'polypeptide(L)'
;GDRVADVIESSIGDSVSRALTQALPAPTGQNTQVSSHRLDTGEVPALQAAEIGASSNTSDESMIETRCVLNSHSTAETTL
DSFFSRAGLVGEIDLPLEGTTNPNGYANWDIDITGYAQMRRKVELFTYMRFDAEFTFVACTPTGQVVPQLLQYMFVPPGA
PKPESRESLAWQTATNPSVFVKLTDPPAQVSVPFMSPASAYQWFYDGYPTFGEHKQEKDLEYGACPNNMMGTFSVRTVGS
SKSKYPLVVRIYMRMKHVRAWIPRPMRNQNYLFKANPNYAGNSIKPTGTSRSAITTL
;
A
2 'polypeptide(L)'
;SPSAEACGYSDRVAQLTIGNSTITTQEAANIIVGYGEWPSYCSDDDATAVDKPTRPDVSVNRFYTLDTKLWEKSSKGWYW
KFPDVLTETGVFGQNAQFHYLYRSGFCIHVQCNASKFHQGALLVAILPEYVIGTVAGGTGTEDSHPPYKQTQPGADGFEL
QHPYVLDAGIPISQLTVCHHQRINLRTNNCATIIVPYMNTLPFDSALNHCNFGLLVVPISPLDFDQGATPVIPITITLAP
MCSEFAGLRQAVTQ
;
B
3 'polypeptide(L)'
;GFPTELKPGTNQFLTTDDGVSAPILPNFHPTPCIHIPGEVRNLLELCQVETILEVNNVPTNATSLMERLRFPVSAQAGKG
ELCAVFRADPGRDGPWQSTMLGQLCGYYTQWSGSLEVTFMFTGSFMATGKMLIAYTPPGGPLPKDRATAMLGTHVIWDFG
LQSSVTLVIPWISNTHYRAHARDGVFDYYTTGLVSIWYQTNYVVPIGAPNTAYIIALAAAQKNFTMKLCKDTSHILQTAS
IQ
;
C
4 'polypeptide(L)' MGSQVSTQRSGSHENSNSATEGSTINYTTINYYKDSYAATAGKQSLKQDPDKFANPVKDIFTEMAAPLK D
#
loop_
_chem_comp.id
_chem_comp.type
_chem_comp.name
_chem_comp.formula
SPH non-polymer SPHINGOSINE 'C18 H37 N O2'
#
# COMPACT_ATOMS: atom_id res chain seq x y z
N GLY A 1 8.75 22.81 -39.48
CA GLY A 1 7.58 21.95 -39.78
C GLY A 1 7.97 20.49 -40.02
N ASP A 2 7.00 19.60 -39.85
CA ASP A 2 7.21 18.17 -39.95
C ASP A 2 6.87 17.70 -41.36
N ARG A 3 7.80 16.98 -41.99
CA ARG A 3 7.68 16.53 -43.37
C ARG A 3 7.68 15.03 -43.51
N VAL A 4 8.69 14.35 -42.96
CA VAL A 4 8.74 12.89 -43.03
C VAL A 4 7.54 12.28 -42.31
N ALA A 5 7.16 11.08 -42.74
CA ALA A 5 5.92 10.47 -42.28
C ALA A 5 6.03 9.86 -40.89
N ASP A 6 7.21 9.35 -40.51
CA ASP A 6 7.41 8.83 -39.17
C ASP A 6 7.27 9.90 -38.09
N VAL A 7 7.37 11.17 -38.45
CA VAL A 7 7.29 12.27 -37.50
C VAL A 7 5.88 12.84 -37.43
N ILE A 8 5.17 12.82 -38.56
CA ILE A 8 3.78 13.21 -38.61
C ILE A 8 2.90 12.18 -37.92
N GLU A 9 3.23 10.89 -38.08
CA GLU A 9 2.46 9.79 -37.52
C GLU A 9 3.04 9.33 -36.20
N SER A 10 3.59 10.26 -35.41
CA SER A 10 4.29 9.95 -34.18
C SER A 10 3.41 10.24 -32.98
N SER A 11 3.55 9.40 -31.95
CA SER A 11 2.92 9.62 -30.66
C SER A 11 3.88 10.27 -29.67
N ILE A 12 4.98 10.84 -30.15
CA ILE A 12 5.87 11.58 -29.27
C ILE A 12 5.21 12.91 -28.90
N GLY A 13 5.33 13.30 -27.64
CA GLY A 13 4.69 14.49 -27.14
C GLY A 13 3.24 14.34 -26.74
N ASP A 14 2.68 13.13 -26.75
CA ASP A 14 1.34 12.91 -26.23
C ASP A 14 1.38 13.02 -24.71
N SER A 15 1.06 14.20 -24.21
CA SER A 15 1.09 14.50 -22.79
C SER A 15 -0.17 14.05 -22.08
N VAL A 16 -1.27 13.92 -22.82
CA VAL A 16 -2.54 13.52 -22.23
C VAL A 16 -2.41 12.11 -21.67
N SER A 17 -2.81 11.95 -20.42
CA SER A 17 -2.75 10.65 -19.76
C SER A 17 -3.95 9.82 -20.19
N ARG A 18 -3.70 8.64 -20.74
CA ARG A 18 -4.77 7.76 -21.19
C ARG A 18 -5.14 6.85 -20.03
N ALA A 19 -6.32 7.04 -19.48
CA ALA A 19 -6.81 6.26 -18.35
C ALA A 19 -7.80 5.21 -18.81
N LEU A 20 -7.73 4.03 -18.20
CA LEU A 20 -8.62 2.94 -18.53
C LEU A 20 -9.89 3.01 -17.71
N THR A 21 -9.76 3.38 -16.45
CA THR A 21 -10.84 3.42 -15.49
C THR A 21 -11.43 4.82 -15.41
N GLN A 22 -12.60 4.89 -14.77
CA GLN A 22 -13.24 6.16 -14.48
C GLN A 22 -13.91 6.05 -13.11
N ALA A 23 -13.79 7.10 -12.32
CA ALA A 23 -14.39 7.13 -10.99
C ALA A 23 -15.85 7.50 -11.10
N LEU A 24 -16.70 6.65 -10.59
CA LEU A 24 -18.13 6.83 -10.53
C LEU A 24 -18.60 7.02 -9.10
N PRO A 25 -19.78 7.58 -8.88
CA PRO A 25 -20.24 7.80 -7.51
C PRO A 25 -20.77 6.53 -6.86
N ALA A 26 -20.36 6.32 -5.62
CA ALA A 26 -20.79 5.19 -4.80
C ALA A 26 -21.12 5.70 -3.42
N PRO A 27 -22.22 6.42 -3.27
CA PRO A 27 -22.55 6.98 -1.96
C PRO A 27 -23.06 5.95 -0.99
N THR A 28 -23.60 4.85 -1.52
CA THR A 28 -24.06 3.72 -0.76
C THR A 28 -23.38 2.45 -1.23
N GLY A 29 -23.50 1.41 -0.43
CA GLY A 29 -23.14 0.09 -0.88
C GLY A 29 -24.04 -0.40 -1.99
N GLN A 30 -23.45 -1.24 -2.84
CA GLN A 30 -24.15 -1.77 -3.99
C GLN A 30 -25.31 -2.64 -3.55
N ASN A 31 -26.43 -2.47 -4.24
CA ASN A 31 -27.62 -3.24 -3.93
C ASN A 31 -27.54 -4.62 -4.54
N THR A 32 -28.19 -5.56 -3.87
CA THR A 32 -28.30 -6.93 -4.34
C THR A 32 -29.57 -7.07 -5.18
N GLN A 33 -29.45 -7.76 -6.30
CA GLN A 33 -30.55 -7.99 -7.21
C GLN A 33 -31.01 -9.44 -7.10
N VAL A 34 -32.21 -9.69 -7.62
CA VAL A 34 -32.79 -11.03 -7.54
C VAL A 34 -32.10 -11.94 -8.53
N SER A 35 -31.80 -13.15 -8.09
CA SER A 35 -31.21 -14.18 -8.93
C SER A 35 -31.97 -15.49 -8.78
N SER A 36 -31.98 -16.26 -9.85
CA SER A 36 -32.61 -17.56 -9.91
C SER A 36 -31.55 -18.59 -10.24
N HIS A 37 -32.00 -19.79 -10.58
CA HIS A 37 -31.10 -20.90 -10.86
C HIS A 37 -30.57 -20.83 -12.29
N ARG A 38 -29.35 -21.34 -12.45
CA ARG A 38 -28.64 -21.39 -13.72
C ARG A 38 -28.16 -22.80 -13.96
N LEU A 39 -28.53 -23.37 -15.10
CA LEU A 39 -28.22 -24.75 -15.44
C LEU A 39 -27.81 -24.86 -16.90
N ASP A 40 -26.88 -24.01 -17.33
CA ASP A 40 -26.40 -24.00 -18.71
C ASP A 40 -24.90 -24.32 -18.74
N THR A 41 -24.34 -24.28 -19.94
CA THR A 41 -22.92 -24.48 -20.19
C THR A 41 -22.31 -23.17 -20.67
N GLY A 42 -20.99 -23.11 -20.65
CA GLY A 42 -20.25 -21.97 -21.14
C GLY A 42 -20.09 -20.80 -20.19
N GLU A 43 -21.20 -20.39 -19.58
CA GLU A 43 -21.21 -19.27 -18.64
C GLU A 43 -20.89 -19.83 -17.25
N VAL A 44 -19.69 -19.55 -16.77
CA VAL A 44 -19.17 -20.12 -15.54
C VAL A 44 -18.49 -19.01 -14.74
N PRO A 45 -19.26 -18.20 -14.02
CA PRO A 45 -18.66 -17.05 -13.33
C PRO A 45 -17.87 -17.33 -12.07
N ALA A 46 -17.95 -18.54 -11.54
CA ALA A 46 -17.18 -18.87 -10.37
C ALA A 46 -15.72 -19.16 -10.67
N LEU A 47 -15.41 -19.56 -11.91
CA LEU A 47 -14.05 -19.88 -12.29
C LEU A 47 -13.32 -18.63 -12.74
N GLN A 48 -12.15 -18.42 -12.17
CA GLN A 48 -11.33 -17.25 -12.40
C GLN A 48 -9.94 -17.67 -12.83
N ALA A 49 -9.16 -16.69 -13.28
CA ALA A 49 -7.73 -16.83 -13.47
C ALA A 49 -7.09 -15.75 -12.62
N ALA A 50 -6.63 -16.13 -11.44
CA ALA A 50 -5.96 -15.18 -10.56
C ALA A 50 -4.55 -14.84 -11.03
N GLU A 51 -4.00 -15.59 -11.98
CA GLU A 51 -2.72 -15.28 -12.55
C GLU A 51 -2.72 -13.99 -13.34
N ILE A 52 -3.90 -13.51 -13.73
CA ILE A 52 -4.01 -12.25 -14.45
C ILE A 52 -3.54 -11.10 -13.58
N GLY A 53 -3.62 -11.24 -12.26
CA GLY A 53 -3.31 -10.18 -11.34
C GLY A 53 -4.47 -9.29 -11.00
N ALA A 54 -5.62 -9.49 -11.61
CA ALA A 54 -6.84 -8.83 -11.23
C ALA A 54 -7.54 -9.58 -10.11
N SER A 55 -8.58 -8.95 -9.58
CA SER A 55 -9.44 -9.55 -8.58
C SER A 55 -10.69 -10.11 -9.23
N SER A 56 -11.34 -11.02 -8.50
CA SER A 56 -12.50 -11.70 -9.03
C SER A 56 -13.67 -10.74 -9.20
N ASN A 57 -14.31 -10.81 -10.35
CA ASN A 57 -15.52 -10.06 -10.66
C ASN A 57 -16.79 -10.87 -10.39
N THR A 58 -16.70 -11.89 -9.55
CA THR A 58 -17.83 -12.73 -9.21
C THR A 58 -18.66 -12.08 -8.10
N SER A 59 -19.97 -12.08 -8.27
CA SER A 59 -20.91 -11.57 -7.29
C SER A 59 -21.73 -12.71 -6.70
N ASP A 60 -22.48 -12.39 -5.63
CA ASP A 60 -23.30 -13.39 -4.97
C ASP A 60 -24.59 -13.70 -5.73
N GLU A 61 -25.00 -12.85 -6.66
CA GLU A 61 -26.12 -13.15 -7.55
C GLU A 61 -25.85 -14.33 -8.45
N SER A 62 -24.60 -14.70 -8.67
CA SER A 62 -24.20 -15.75 -9.59
C SER A 62 -23.77 -17.03 -8.89
N MET A 63 -23.71 -17.03 -7.56
CA MET A 63 -23.26 -18.15 -6.77
C MET A 63 -24.36 -18.75 -5.92
N ILE A 64 -25.42 -17.99 -5.65
CA ILE A 64 -26.54 -18.44 -4.84
C ILE A 64 -27.79 -17.77 -5.39
N GLU A 65 -28.94 -18.31 -5.00
CA GLU A 65 -30.20 -17.64 -5.28
C GLU A 65 -30.38 -16.57 -4.22
N THR A 66 -30.41 -15.31 -4.68
CA THR A 66 -30.42 -14.13 -3.84
C THR A 66 -31.77 -13.43 -3.97
N ARG A 67 -32.04 -12.59 -2.98
CA ARG A 67 -33.18 -11.69 -3.00
C ARG A 67 -32.72 -10.28 -3.36
N CYS A 68 -33.70 -9.38 -3.45
CA CYS A 68 -33.42 -7.95 -3.56
C CYS A 68 -33.16 -7.35 -2.19
N VAL A 69 -32.05 -6.65 -2.07
CA VAL A 69 -31.68 -5.89 -0.89
C VAL A 69 -31.39 -4.48 -1.33
N LEU A 70 -32.19 -3.53 -0.87
CA LEU A 70 -31.97 -2.12 -1.16
C LEU A 70 -31.09 -1.55 -0.06
N ASN A 71 -29.80 -1.46 -0.33
CA ASN A 71 -28.81 -1.04 0.63
C ASN A 71 -28.85 0.46 0.81
N SER A 72 -28.72 0.90 2.05
CA SER A 72 -28.55 2.30 2.40
C SER A 72 -27.43 2.46 3.41
N HIS A 73 -26.35 1.73 3.19
CA HIS A 73 -25.16 1.80 4.01
C HIS A 73 -24.16 2.72 3.31
N SER A 74 -23.71 3.76 4.00
CA SER A 74 -22.95 4.82 3.37
C SER A 74 -21.46 4.53 3.40
N THR A 75 -20.76 4.91 2.34
CA THR A 75 -19.32 4.79 2.23
C THR A 75 -18.61 6.08 2.61
N ALA A 76 -19.24 6.90 3.44
CA ALA A 76 -18.73 8.22 3.76
C ALA A 76 -17.68 8.22 4.85
N GLU A 77 -17.61 7.17 5.64
CA GLU A 77 -16.68 7.10 6.76
C GLU A 77 -15.38 6.39 6.41
N THR A 78 -15.23 6.01 5.15
CA THR A 78 -14.02 5.36 4.71
C THR A 78 -13.15 6.32 3.90
N THR A 79 -13.67 7.51 3.61
CA THR A 79 -12.89 8.51 2.91
C THR A 79 -11.61 8.82 3.68
N LEU A 80 -10.73 9.56 3.03
CA LEU A 80 -9.42 9.86 3.60
C LEU A 80 -9.49 11.01 4.58
N ASP A 81 -10.42 11.93 4.36
CA ASP A 81 -10.72 12.89 5.41
C ASP A 81 -11.18 12.21 6.69
N SER A 82 -12.23 11.39 6.62
CA SER A 82 -12.77 10.76 7.80
C SER A 82 -11.79 9.79 8.46
N PHE A 83 -10.84 9.26 7.70
CA PHE A 83 -9.87 8.34 8.24
C PHE A 83 -8.65 9.04 8.83
N PHE A 84 -8.30 10.23 8.34
CA PHE A 84 -7.11 10.95 8.80
C PHE A 84 -7.39 12.24 9.53
N SER A 85 -8.59 12.82 9.41
CA SER A 85 -8.91 14.06 10.10
C SER A 85 -9.28 13.74 11.55
N ARG A 86 -8.28 13.23 12.26
CA ARG A 86 -8.44 12.77 13.63
C ARG A 86 -7.10 13.03 14.31
N ALA A 87 -7.09 13.97 15.23
CA ALA A 87 -5.84 14.39 15.85
C ALA A 87 -5.20 13.26 16.63
N GLY A 88 -3.89 13.09 16.44
CA GLY A 88 -3.13 12.10 17.16
C GLY A 88 -1.75 12.62 17.51
N LEU A 89 -1.15 11.98 18.50
CA LEU A 89 0.16 12.38 18.98
C LEU A 89 1.22 12.19 17.92
N VAL A 90 1.92 13.27 17.59
CA VAL A 90 3.05 13.24 16.67
C VAL A 90 4.33 13.72 17.30
N GLY A 91 4.28 14.29 18.51
CA GLY A 91 5.45 14.84 19.15
C GLY A 91 5.26 15.08 20.63
N GLU A 92 6.37 15.02 21.37
CA GLU A 92 6.37 15.28 22.79
C GLU A 92 7.70 15.91 23.17
N ILE A 93 7.64 17.05 23.85
CA ILE A 93 8.82 17.83 24.22
C ILE A 93 8.80 17.99 25.73
N ASP A 94 9.92 17.66 26.37
CA ASP A 94 10.08 17.77 27.81
C ASP A 94 11.00 18.95 28.10
N LEU A 95 10.63 19.76 29.10
CA LEU A 95 11.40 20.92 29.52
C LEU A 95 11.62 20.83 31.02
N PRO A 96 12.56 20.02 31.47
CA PRO A 96 12.82 19.87 32.89
C PRO A 96 13.73 20.98 33.42
N LEU A 97 14.00 20.92 34.72
CA LEU A 97 14.91 21.85 35.38
C LEU A 97 16.31 21.27 35.51
N GLU A 98 16.42 20.11 36.15
CA GLU A 98 17.67 19.38 36.30
C GLU A 98 17.63 18.13 35.43
N GLY A 99 18.80 17.71 34.96
CA GLY A 99 18.93 16.53 34.13
C GLY A 99 19.79 16.75 32.92
N THR A 100 19.36 16.19 31.79
CA THR A 100 20.14 16.18 30.55
C THR A 100 19.30 16.51 29.33
N THR A 101 17.98 16.31 29.42
CA THR A 101 17.11 16.45 28.26
C THR A 101 17.16 17.86 27.69
N ASN A 102 16.77 18.84 28.49
CA ASN A 102 16.75 20.25 28.08
C ASN A 102 16.85 21.12 29.33
N PRO A 103 18.03 21.21 29.94
CA PRO A 103 18.14 21.86 31.25
C PRO A 103 18.30 23.37 31.21
N ASN A 104 18.13 24.02 30.06
CA ASN A 104 18.36 25.44 29.90
C ASN A 104 17.09 26.26 29.72
N GLY A 105 15.99 25.63 29.34
CA GLY A 105 14.71 26.29 29.22
C GLY A 105 14.20 26.46 27.81
N TYR A 106 14.89 25.91 26.82
CA TYR A 106 14.45 25.92 25.44
C TYR A 106 14.57 24.50 24.89
N ALA A 107 13.80 24.22 23.84
CA ALA A 107 13.86 22.91 23.22
C ALA A 107 13.49 23.03 21.75
N ASN A 108 14.34 22.48 20.89
CA ASN A 108 14.09 22.40 19.46
C ASN A 108 13.68 20.98 19.11
N TRP A 109 12.68 20.86 18.23
CA TRP A 109 12.14 19.57 17.81
C TRP A 109 12.11 19.52 16.29
N ASP A 110 12.95 18.68 15.71
CA ASP A 110 12.89 18.44 14.28
C ASP A 110 11.59 17.75 13.92
N ILE A 111 10.80 18.40 13.07
CA ILE A 111 9.45 17.95 12.79
C ILE A 111 9.51 16.64 12.02
N ASP A 112 9.06 15.57 12.65
CA ASP A 112 8.77 14.32 11.98
C ASP A 112 7.72 13.59 12.76
N ILE A 113 6.66 13.19 12.06
CA ILE A 113 5.52 12.54 12.67
C ILE A 113 5.68 11.02 12.69
N THR A 114 6.90 10.52 12.58
CA THR A 114 7.21 9.10 12.49
C THR A 114 7.77 8.55 13.81
N GLY A 115 7.52 9.25 14.91
CA GLY A 115 7.98 8.81 16.20
C GLY A 115 6.91 8.20 17.08
N TYR A 116 5.71 8.05 16.54
CA TYR A 116 4.59 7.47 17.28
C TYR A 116 3.85 6.52 16.35
N ALA A 117 3.77 5.25 16.76
CA ALA A 117 3.45 4.15 15.87
C ALA A 117 2.01 4.19 15.36
N GLN A 118 1.13 4.84 16.10
CA GLN A 118 -0.30 4.75 15.85
C GLN A 118 -0.73 5.71 14.76
N MET A 119 -0.03 6.83 14.60
CA MET A 119 -0.24 7.73 13.49
C MET A 119 0.68 7.43 12.31
N ARG A 120 1.82 6.79 12.58
CA ARG A 120 2.76 6.46 11.52
C ARG A 120 2.24 5.34 10.64
N ARG A 121 1.75 4.27 11.26
CA ARG A 121 1.17 3.16 10.52
C ARG A 121 -0.07 3.56 9.74
N LYS A 122 -0.68 4.69 10.08
CA LYS A 122 -1.83 5.17 9.33
C LYS A 122 -1.39 5.89 8.05
N VAL A 123 -0.26 6.59 8.09
CA VAL A 123 0.22 7.33 6.94
C VAL A 123 1.04 6.46 6.00
N GLU A 124 1.77 5.49 6.53
CA GLU A 124 2.59 4.59 5.74
C GLU A 124 1.76 3.52 5.02
N LEU A 125 0.44 3.58 5.12
CA LEU A 125 -0.42 2.85 4.22
C LEU A 125 -0.29 3.36 2.80
N PHE A 126 0.13 4.60 2.64
CA PHE A 126 0.40 5.23 1.37
C PHE A 126 1.85 5.67 1.32
N THR A 127 2.35 5.85 0.10
CA THR A 127 3.71 6.34 -0.10
C THR A 127 3.76 7.83 -0.36
N TYR A 128 2.70 8.42 -0.88
CA TYR A 128 2.61 9.85 -1.14
C TYR A 128 1.31 10.37 -0.56
N MET A 129 1.41 11.43 0.25
CA MET A 129 0.24 12.06 0.85
C MET A 129 0.41 13.56 0.89
N ARG A 130 -0.59 14.27 0.35
CA ARG A 130 -0.63 15.72 0.28
C ARG A 130 -1.77 16.22 1.16
N PHE A 131 -1.50 17.15 2.05
CA PHE A 131 -2.51 17.61 2.98
C PHE A 131 -2.12 18.92 3.63
N ASP A 132 -3.14 19.67 4.03
CA ASP A 132 -3.02 20.72 5.03
C ASP A 132 -3.34 20.13 6.40
N ALA A 133 -2.79 20.76 7.43
CA ALA A 133 -2.81 20.21 8.78
C ALA A 133 -3.28 21.23 9.79
N GLU A 134 -3.51 20.73 11.01
CA GLU A 134 -3.96 21.51 12.16
C GLU A 134 -3.26 20.95 13.38
N PHE A 135 -2.27 21.67 13.87
CA PHE A 135 -1.47 21.26 15.02
C PHE A 135 -2.06 21.86 16.28
N THR A 136 -1.95 21.12 17.40
CA THR A 136 -2.51 21.51 18.67
C THR A 136 -1.52 21.13 19.76
N PHE A 137 -1.23 22.07 20.66
CA PHE A 137 -0.17 21.92 21.66
C PHE A 137 -0.79 21.91 23.04
N VAL A 138 -0.70 20.76 23.70
CA VAL A 138 -1.25 20.56 25.03
C VAL A 138 -0.08 20.59 26.01
N ALA A 139 0.09 21.71 26.69
CA ALA A 139 1.19 21.91 27.62
C ALA A 139 0.74 21.66 29.05
N CYS A 140 1.64 21.09 29.85
CA CYS A 140 1.30 20.72 31.21
C CYS A 140 2.56 20.31 31.94
N THR A 141 2.44 20.18 33.26
CA THR A 141 3.48 19.65 34.10
C THR A 141 3.51 18.13 33.96
N PRO A 142 4.61 17.47 34.34
CA PRO A 142 4.60 16.01 34.44
C PRO A 142 3.39 15.42 35.13
N THR A 143 2.96 15.99 36.26
CA THR A 143 1.78 15.51 36.97
C THR A 143 0.47 15.88 36.29
N GLY A 144 0.50 16.66 35.22
CA GLY A 144 -0.70 17.15 34.58
C GLY A 144 -1.20 18.46 35.13
N GLN A 145 -0.44 19.10 36.01
CA GLN A 145 -0.89 20.31 36.66
C GLN A 145 -0.72 21.51 35.75
N VAL A 146 -1.79 22.29 35.62
CA VAL A 146 -1.77 23.52 34.86
C VAL A 146 -1.23 24.62 35.78
N VAL A 147 -0.22 25.35 35.29
CA VAL A 147 0.53 26.30 36.09
C VAL A 147 0.59 27.63 35.37
N PRO A 148 0.84 28.75 36.07
CA PRO A 148 0.85 30.09 35.45
C PRO A 148 2.19 30.44 34.80
N GLN A 149 2.35 30.00 33.56
CA GLN A 149 3.61 30.15 32.83
C GLN A 149 3.31 30.55 31.39
N LEU A 150 4.14 31.43 30.86
CA LEU A 150 4.07 31.88 29.48
C LEU A 150 5.13 31.17 28.66
N LEU A 151 4.76 30.73 27.46
CA LEU A 151 5.67 30.09 26.53
C LEU A 151 5.58 30.75 25.17
N GLN A 152 6.52 30.37 24.30
CA GLN A 152 6.60 30.87 22.94
C GLN A 152 6.89 29.70 22.02
N TYR A 153 5.98 29.42 21.09
CA TYR A 153 6.11 28.35 20.13
C TYR A 153 6.51 28.94 18.78
N MET A 154 7.80 28.88 18.45
CA MET A 154 8.33 29.41 17.21
C MET A 154 8.53 28.32 16.17
N PHE A 155 8.01 28.56 14.98
CA PHE A 155 8.29 27.73 13.82
C PHE A 155 9.56 28.22 13.16
N VAL A 156 10.57 27.35 13.10
CA VAL A 156 11.86 27.65 12.48
C VAL A 156 11.92 26.88 11.17
N PRO A 157 11.63 27.49 10.02
CA PRO A 157 11.74 26.77 8.77
C PRO A 157 13.17 26.39 8.48
N PRO A 158 13.42 25.58 7.46
CA PRO A 158 14.79 25.24 7.09
C PRO A 158 15.52 26.46 6.54
N GLY A 159 16.77 26.63 6.96
CA GLY A 159 17.57 27.77 6.62
C GLY A 159 17.59 28.85 7.66
N ALA A 160 16.50 29.01 8.39
CA ALA A 160 16.43 30.04 9.41
C ALA A 160 17.27 29.63 10.62
N PRO A 161 17.72 30.59 11.42
CA PRO A 161 18.60 30.24 12.54
C PRO A 161 17.83 29.57 13.66
N LYS A 162 18.37 28.48 14.16
CA LYS A 162 17.81 27.84 15.34
C LYS A 162 18.30 28.58 16.58
N PRO A 163 17.48 28.71 17.63
CA PRO A 163 17.95 29.36 18.84
C PRO A 163 18.88 28.47 19.65
N GLU A 164 20.04 29.03 19.98
CA GLU A 164 21.03 28.37 20.80
C GLU A 164 20.79 28.57 22.29
N SER A 165 19.73 29.26 22.68
CA SER A 165 19.50 29.57 24.08
C SER A 165 18.09 30.17 24.23
N ARG A 166 17.77 30.53 25.47
CA ARG A 166 16.53 31.21 25.80
C ARG A 166 16.63 32.71 25.58
N GLU A 167 17.82 33.27 25.80
CA GLU A 167 18.10 34.68 25.58
C GLU A 167 18.49 35.00 24.14
N SER A 168 18.11 34.15 23.18
CA SER A 168 18.66 34.26 21.84
C SER A 168 17.94 35.33 21.03
N LEU A 169 18.56 35.65 19.90
CA LEU A 169 18.09 36.70 19.01
C LEU A 169 17.08 36.19 18.00
N ALA A 170 17.00 34.88 17.81
CA ALA A 170 16.04 34.29 16.89
C ALA A 170 14.61 34.40 17.40
N TRP A 171 14.41 34.60 18.69
CA TRP A 171 13.11 34.61 19.32
C TRP A 171 12.31 35.87 19.04
N GLN A 172 12.90 36.87 18.38
CA GLN A 172 12.22 38.11 18.08
C GLN A 172 11.13 37.96 17.02
N THR A 173 11.02 36.80 16.38
CA THR A 173 9.93 36.40 15.48
C THR A 173 9.47 37.50 14.54
N ALA A 174 10.41 38.28 14.02
CA ALA A 174 10.07 39.34 13.10
C ALA A 174 9.53 38.81 11.78
N THR A 175 9.95 37.61 11.37
CA THR A 175 9.52 37.02 10.13
C THR A 175 9.10 35.57 10.28
N ASN A 176 9.64 34.84 11.26
CA ASN A 176 9.17 33.49 11.52
C ASN A 176 7.84 33.55 12.29
N PRO A 177 6.93 32.62 12.06
CA PRO A 177 5.67 32.64 12.82
C PRO A 177 5.85 32.10 14.22
N SER A 178 5.07 32.65 15.15
CA SER A 178 5.16 32.32 16.55
C SER A 178 3.78 32.37 17.19
N VAL A 179 3.68 31.72 18.34
CA VAL A 179 2.47 31.69 19.15
C VAL A 179 2.89 31.83 20.61
N PHE A 180 2.35 32.83 21.29
CA PHE A 180 2.52 32.99 22.73
C PHE A 180 1.26 32.51 23.41
N VAL A 181 1.44 31.71 24.47
CA VAL A 181 0.32 31.15 25.22
C VAL A 181 0.71 31.00 26.68
N LYS A 182 -0.28 31.17 27.54
CA LYS A 182 -0.22 30.74 28.92
C LYS A 182 -0.72 29.31 29.01
N LEU A 183 -0.17 28.58 29.98
CA LEU A 183 -0.63 27.21 30.20
C LEU A 183 -2.04 27.16 30.73
N THR A 184 -2.52 28.24 31.36
CA THR A 184 -3.88 28.34 31.85
C THR A 184 -4.91 28.50 30.76
N ASP A 185 -4.49 28.67 29.52
CA ASP A 185 -5.38 28.89 28.41
C ASP A 185 -5.73 27.58 27.75
N PRO A 186 -6.70 27.57 26.83
CA PRO A 186 -6.88 26.41 26.00
C PRO A 186 -5.62 26.14 25.20
N PRO A 187 -5.43 24.91 24.72
CA PRO A 187 -4.24 24.62 23.93
C PRO A 187 -4.24 25.42 22.63
N ALA A 188 -3.06 25.91 22.28
CA ALA A 188 -2.88 26.63 21.03
C ALA A 188 -3.20 25.71 19.85
N GLN A 189 -3.90 26.24 18.85
CA GLN A 189 -4.32 25.45 17.70
C GLN A 189 -4.20 26.32 16.45
N VAL A 190 -3.30 25.93 15.56
CA VAL A 190 -2.99 26.66 14.34
C VAL A 190 -3.14 25.71 13.15
N SER A 191 -3.53 26.27 12.01
CA SER A 191 -3.63 25.53 10.76
C SER A 191 -2.41 25.80 9.91
N VAL A 192 -1.94 24.76 9.24
CA VAL A 192 -0.69 24.79 8.48
C VAL A 192 -1.01 24.37 7.06
N PRO A 193 -0.34 24.91 6.04
CA PRO A 193 -0.62 24.49 4.67
C PRO A 193 0.27 23.36 4.20
N PHE A 194 0.12 22.99 2.94
CA PHE A 194 1.05 22.07 2.29
C PHE A 194 2.29 22.85 1.89
N MET A 195 3.43 22.54 2.51
CA MET A 195 4.63 23.36 2.45
C MET A 195 5.81 22.64 1.82
N SER A 196 5.57 21.71 1.00
CA SER A 196 6.63 20.94 0.36
C SER A 196 7.02 21.61 -0.95
N PRO A 197 8.31 21.59 -1.35
CA PRO A 197 8.64 21.99 -2.71
C PRO A 197 8.15 21.03 -3.76
N ALA A 198 7.72 19.84 -3.36
CA ALA A 198 7.14 18.84 -4.23
C ALA A 198 5.63 18.94 -4.23
N SER A 199 5.00 18.03 -4.96
CA SER A 199 3.55 17.96 -5.06
C SER A 199 2.91 17.12 -3.98
N ALA A 200 3.70 16.40 -3.20
CA ALA A 200 3.19 15.66 -2.07
C ALA A 200 4.37 15.25 -1.20
N TYR A 201 4.10 15.14 0.09
CA TYR A 201 5.03 14.50 1.00
C TYR A 201 5.20 13.04 0.58
N GLN A 202 6.24 12.41 1.10
CA GLN A 202 6.48 11.01 0.81
C GLN A 202 7.14 10.35 2.00
N TRP A 203 6.48 9.31 2.51
CA TRP A 203 6.93 8.63 3.71
C TRP A 203 8.02 7.63 3.41
N PHE A 204 8.15 7.22 2.15
CA PHE A 204 9.18 6.32 1.69
C PHE A 204 9.89 6.93 0.50
N TYR A 205 11.21 6.95 0.55
CA TYR A 205 12.05 7.52 -0.50
C TYR A 205 13.12 6.49 -0.85
N ASP A 206 12.96 5.82 -1.99
CA ASP A 206 13.91 4.80 -2.42
C ASP A 206 15.01 5.50 -3.18
N GLY A 207 16.01 5.98 -2.45
CA GLY A 207 17.10 6.70 -3.09
C GLY A 207 17.90 7.47 -2.07
N TYR A 208 18.95 8.10 -2.58
CA TYR A 208 19.81 9.01 -1.86
C TYR A 208 19.55 10.44 -2.32
N PRO A 209 19.74 11.44 -1.46
CA PRO A 209 19.53 12.83 -1.89
C PRO A 209 20.71 13.43 -2.64
N THR A 210 21.91 12.99 -2.28
CA THR A 210 23.16 13.55 -2.79
C THR A 210 23.78 12.62 -3.82
N PHE A 211 24.52 13.23 -4.73
CA PHE A 211 25.38 12.48 -5.64
C PHE A 211 26.65 12.06 -4.91
N GLY A 212 27.46 11.25 -5.57
CA GLY A 212 28.77 10.88 -5.09
C GLY A 212 28.83 9.43 -4.67
N GLU A 213 30.01 9.05 -4.20
CA GLU A 213 30.20 7.74 -3.63
C GLU A 213 29.36 7.59 -2.37
N HIS A 214 28.87 6.38 -2.15
CA HIS A 214 28.00 6.06 -1.02
C HIS A 214 28.68 4.96 -0.23
N LYS A 215 29.53 5.35 0.71
CA LYS A 215 30.23 4.43 1.58
C LYS A 215 29.46 4.26 2.88
N GLN A 216 30.06 3.56 3.84
CA GLN A 216 29.40 3.32 5.12
C GLN A 216 29.24 4.58 5.95
N GLU A 217 29.98 5.64 5.64
CA GLU A 217 29.84 6.88 6.39
C GLU A 217 28.52 7.56 6.08
N LYS A 218 28.30 7.90 4.82
CA LYS A 218 27.07 8.57 4.39
C LYS A 218 26.06 7.53 3.88
N ASP A 219 25.70 6.61 4.78
CA ASP A 219 24.60 5.67 4.57
C ASP A 219 23.37 6.06 5.37
N LEU A 220 23.52 6.92 6.37
CA LEU A 220 22.39 7.57 6.99
C LEU A 220 21.50 8.29 5.99
N GLU A 221 22.08 8.78 4.90
CA GLU A 221 21.35 9.52 3.89
C GLU A 221 20.37 8.67 3.10
N TYR A 222 20.50 7.35 3.15
CA TYR A 222 19.54 6.49 2.47
C TYR A 222 18.15 6.69 3.06
N GLY A 223 17.21 7.07 2.21
CA GLY A 223 15.84 7.24 2.60
C GLY A 223 15.45 8.66 2.93
N ALA A 224 16.43 9.54 3.16
CA ALA A 224 16.16 10.91 3.56
C ALA A 224 15.72 11.74 2.37
N CYS A 225 14.53 12.31 2.46
CA CYS A 225 14.00 13.23 1.47
C CYS A 225 13.99 14.64 2.06
N PRO A 226 14.74 15.60 1.50
CA PRO A 226 14.63 16.98 2.01
C PRO A 226 13.29 17.63 1.76
N ASN A 227 12.44 17.06 0.91
CA ASN A 227 11.10 17.59 0.70
C ASN A 227 10.16 17.34 1.87
N ASN A 228 10.56 16.51 2.83
CA ASN A 228 9.78 16.24 4.02
C ASN A 228 10.37 16.88 5.27
N MET A 229 11.62 17.32 5.21
CA MET A 229 12.22 18.09 6.28
C MET A 229 11.60 19.49 6.26
N MET A 230 10.50 19.66 6.99
CA MET A 230 9.77 20.91 6.97
C MET A 230 10.30 21.94 7.95
N GLY A 231 11.33 21.58 8.72
CA GLY A 231 12.03 22.52 9.56
C GLY A 231 12.07 22.06 11.01
N THR A 232 11.92 23.01 11.92
CA THR A 232 12.09 22.79 13.34
C THR A 232 10.99 23.49 14.12
N PHE A 233 10.53 22.81 15.17
CA PHE A 233 9.67 23.41 16.17
C PHE A 233 10.49 23.77 17.40
N SER A 234 10.37 25.00 17.86
CA SER A 234 11.11 25.50 18.99
C SER A 234 10.15 26.02 20.05
N VAL A 235 10.54 25.85 21.31
CA VAL A 235 9.73 26.27 22.45
C VAL A 235 10.66 26.73 23.55
N ARG A 236 10.21 27.75 24.30
CA ARG A 236 10.96 28.26 25.42
C ARG A 236 10.02 28.75 26.50
N THR A 237 10.60 28.99 27.67
CA THR A 237 9.93 29.74 28.74
C THR A 237 10.28 31.21 28.56
N VAL A 238 9.27 32.01 28.24
CA VAL A 238 9.47 33.44 27.98
C VAL A 238 9.93 34.11 29.25
N GLY A 239 11.21 34.46 29.29
CA GLY A 239 11.81 35.02 30.48
C GLY A 239 13.32 35.05 30.36
N SER A 240 13.94 35.97 31.08
CA SER A 240 15.40 36.07 31.14
C SER A 240 16.01 35.17 32.19
N SER A 241 15.22 34.64 33.12
CA SER A 241 15.70 33.85 34.23
C SER A 241 15.18 32.43 34.11
N LYS A 242 15.51 31.61 35.10
CA LYS A 242 15.14 30.21 35.11
C LYS A 242 13.71 30.05 35.59
N SER A 243 12.94 29.23 34.89
CA SER A 243 11.59 28.92 35.31
C SER A 243 11.60 28.06 36.57
N LYS A 244 10.42 27.93 37.18
CA LYS A 244 10.24 27.19 38.42
C LYS A 244 9.41 25.94 38.24
N TYR A 245 8.72 25.78 37.11
CA TYR A 245 7.88 24.65 36.82
C TYR A 245 8.51 23.75 35.76
N PRO A 246 8.56 22.44 35.96
CA PRO A 246 8.83 21.55 34.83
C PRO A 246 7.62 21.52 33.90
N LEU A 247 7.88 21.16 32.65
CA LEU A 247 6.91 21.32 31.58
C LEU A 247 7.03 20.18 30.59
N VAL A 248 5.92 19.93 29.90
CA VAL A 248 5.87 19.01 28.77
C VAL A 248 4.96 19.62 27.74
N VAL A 249 5.39 19.64 26.48
CA VAL A 249 4.56 20.05 25.36
C VAL A 249 4.28 18.82 24.51
N ARG A 250 3.00 18.48 24.35
CA ARG A 250 2.56 17.37 23.53
C ARG A 250 1.83 17.91 22.30
N ILE A 251 2.18 17.38 21.14
CA ILE A 251 1.78 17.92 19.86
C ILE A 251 0.82 16.92 19.20
N TYR A 252 -0.31 17.44 18.71
CA TYR A 252 -1.36 16.64 18.11
C TYR A 252 -1.70 17.22 16.74
N MET A 253 -1.59 16.40 15.69
CA MET A 253 -1.78 16.84 14.33
C MET A 253 -3.03 16.20 13.72
N ARG A 254 -3.82 17.02 13.04
CA ARG A 254 -5.03 16.61 12.34
C ARG A 254 -4.91 17.03 10.88
N MET A 255 -4.97 16.06 9.99
CA MET A 255 -4.92 16.34 8.57
C MET A 255 -6.27 16.79 8.04
N LYS A 256 -6.25 17.69 7.07
CA LYS A 256 -7.44 18.10 6.36
C LYS A 256 -7.08 18.34 4.91
N HIS A 257 -8.08 18.19 4.05
CA HIS A 257 -7.91 18.33 2.61
C HIS A 257 -6.88 17.34 2.09
N VAL A 258 -7.14 16.06 2.36
CA VAL A 258 -6.16 15.00 2.17
C VAL A 258 -6.26 14.46 0.75
N ARG A 259 -5.10 14.18 0.17
CA ARG A 259 -4.98 13.39 -1.03
C ARG A 259 -3.86 12.39 -0.80
N ALA A 260 -4.03 11.20 -1.36
CA ALA A 260 -3.10 10.12 -1.17
C ALA A 260 -2.98 9.33 -2.47
N TRP A 261 -1.82 8.69 -2.64
CA TRP A 261 -1.52 7.94 -3.84
C TRP A 261 -0.76 6.68 -3.46
N ILE A 262 -0.94 5.65 -4.28
CA ILE A 262 -0.13 4.43 -4.25
C ILE A 262 -0.20 3.78 -2.87
N PRO A 263 -1.26 3.05 -2.58
CA PRO A 263 -1.30 2.27 -1.34
C PRO A 263 -0.24 1.19 -1.31
N ARG A 264 0.16 0.84 -0.11
CA ARG A 264 1.21 -0.12 0.17
C ARG A 264 0.71 -1.18 1.13
N PRO A 265 1.46 -2.26 1.31
CA PRO A 265 1.26 -3.12 2.46
C PRO A 265 1.42 -2.36 3.78
N MET A 266 0.66 -2.79 4.77
CA MET A 266 0.68 -2.17 6.09
C MET A 266 1.71 -2.82 6.99
N ARG A 267 2.31 -2.02 7.85
CA ARG A 267 3.35 -2.50 8.75
C ARG A 267 2.81 -3.55 9.70
N ASN A 268 3.41 -4.73 9.68
CA ASN A 268 3.10 -5.80 10.60
C ASN A 268 4.14 -6.00 11.68
N GLN A 269 5.36 -5.51 11.46
CA GLN A 269 6.44 -5.61 12.42
C GLN A 269 6.53 -4.34 13.26
N ASN A 270 7.07 -4.48 14.46
CA ASN A 270 7.21 -3.32 15.33
C ASN A 270 8.26 -2.38 14.77
N TYR A 271 7.90 -1.11 14.67
CA TYR A 271 8.86 -0.08 14.34
C TYR A 271 9.93 0.01 15.41
N LEU A 272 11.08 0.53 15.03
CA LEU A 272 12.24 0.67 15.89
C LEU A 272 12.84 2.06 15.88
N PHE A 273 12.80 2.74 14.73
CA PHE A 273 13.48 4.01 14.55
C PHE A 273 12.58 4.98 13.80
N LYS A 274 13.06 6.21 13.69
CA LYS A 274 12.36 7.27 13.00
C LYS A 274 12.87 7.36 11.56
N ALA A 275 11.94 7.35 10.62
CA ALA A 275 12.26 7.40 9.19
C ALA A 275 13.28 6.33 8.82
N ASN A 276 12.98 5.12 9.22
CA ASN A 276 13.83 3.96 8.97
C ASN A 276 12.93 2.73 9.02
N PRO A 277 12.76 1.97 7.92
CA PRO A 277 11.89 0.80 7.99
C PRO A 277 12.62 -0.45 8.45
N ASN A 278 13.46 -0.31 9.46
CA ASN A 278 14.20 -1.43 10.00
C ASN A 278 13.28 -2.28 10.88
N TYR A 279 13.75 -3.48 11.16
CA TYR A 279 13.00 -4.46 11.91
C TYR A 279 13.99 -5.35 12.64
N ALA A 280 13.50 -6.09 13.63
CA ALA A 280 14.33 -7.03 14.36
C ALA A 280 14.30 -8.37 13.64
N GLY A 281 15.44 -8.74 13.04
CA GLY A 281 15.49 -9.90 12.18
C GLY A 281 15.50 -11.22 12.92
N ASN A 282 15.96 -11.24 14.16
CA ASN A 282 15.91 -12.46 14.94
C ASN A 282 14.51 -12.71 15.47
N SER A 283 13.86 -11.67 15.97
CA SER A 283 12.50 -11.76 16.50
C SER A 283 11.48 -11.25 15.48
N ILE A 284 11.42 -11.94 14.35
CA ILE A 284 10.40 -11.67 13.35
C ILE A 284 9.11 -12.35 13.80
N LYS A 285 8.06 -11.56 13.98
CA LYS A 285 6.78 -12.06 14.45
C LYS A 285 5.83 -12.26 13.28
N PRO A 286 5.04 -13.33 13.21
CA PRO A 286 4.06 -13.43 12.12
C PRO A 286 2.97 -12.39 12.24
N THR A 287 2.29 -12.19 11.11
CA THR A 287 1.36 -11.07 10.99
C THR A 287 0.16 -11.24 11.91
N GLY A 288 -0.20 -12.49 12.23
CA GLY A 288 -1.32 -12.75 13.10
C GLY A 288 -1.11 -13.94 14.01
N THR A 289 -2.22 -14.46 14.53
CA THR A 289 -2.18 -15.55 15.49
C THR A 289 -2.03 -16.88 14.79
N SER A 290 -1.64 -17.89 15.58
CA SER A 290 -1.31 -19.21 15.08
C SER A 290 -2.23 -20.27 15.68
N ARG A 291 -2.08 -21.48 15.16
CA ARG A 291 -2.88 -22.64 15.53
C ARG A 291 -1.97 -23.81 15.91
N SER A 292 -2.60 -24.86 16.43
CA SER A 292 -1.95 -26.15 16.59
C SER A 292 -1.99 -26.98 15.33
N ALA A 293 -3.07 -26.88 14.55
CA ALA A 293 -3.20 -27.62 13.31
C ALA A 293 -4.16 -26.86 12.40
N ILE A 294 -4.20 -27.28 11.14
CA ILE A 294 -4.95 -26.58 10.11
C ILE A 294 -6.38 -27.09 9.97
N THR A 295 -6.68 -28.25 10.53
CA THR A 295 -8.03 -28.81 10.49
C THR A 295 -8.86 -28.45 11.70
N THR A 296 -8.29 -27.77 12.69
CA THR A 296 -8.97 -27.36 13.90
C THR A 296 -9.17 -25.85 13.89
N LEU A 297 -9.66 -25.34 15.01
CA LEU A 297 -9.83 -23.90 15.22
C LEU A 297 -9.02 -23.43 16.42
N SER B 10 -6.41 -15.52 -28.44
CA SER B 10 -7.02 -14.20 -28.36
C SER B 10 -6.61 -13.46 -27.09
N ASP B 11 -6.24 -14.23 -26.06
CA ASP B 11 -5.77 -13.66 -24.80
C ASP B 11 -4.56 -14.37 -24.22
N ARG B 12 -4.26 -15.60 -24.63
CA ARG B 12 -3.07 -16.32 -24.19
C ARG B 12 -1.86 -16.05 -25.09
N VAL B 13 -2.07 -15.47 -26.25
CA VAL B 13 -1.00 -15.13 -27.19
C VAL B 13 -0.81 -13.62 -27.16
N ALA B 14 0.45 -13.20 -27.23
CA ALA B 14 0.78 -11.79 -27.24
C ALA B 14 2.09 -11.58 -27.97
N GLN B 15 2.15 -10.49 -28.73
CA GLN B 15 3.38 -9.98 -29.30
C GLN B 15 3.56 -8.54 -28.84
N LEU B 16 4.70 -8.27 -28.19
CA LEU B 16 5.04 -6.94 -27.71
C LEU B 16 6.16 -6.40 -28.58
N THR B 17 5.83 -5.39 -29.38
CA THR B 17 6.77 -4.74 -30.27
C THR B 17 6.97 -3.31 -29.83
N ILE B 18 8.20 -2.99 -29.44
CA ILE B 18 8.61 -1.61 -29.20
C ILE B 18 10.06 -1.48 -29.62
N GLY B 19 10.31 -0.59 -30.57
CA GLY B 19 11.64 -0.35 -31.08
C GLY B 19 12.12 -1.32 -32.14
N ASN B 20 13.27 -1.91 -31.88
CA ASN B 20 13.88 -2.91 -32.74
C ASN B 20 13.81 -4.29 -32.09
N SER B 21 12.76 -4.48 -31.30
CA SER B 21 12.67 -5.61 -30.38
C SER B 21 11.25 -6.17 -30.40
N THR B 22 11.16 -7.47 -30.13
CA THR B 22 9.89 -8.17 -30.25
C THR B 22 9.92 -9.41 -29.37
N ILE B 23 8.88 -9.56 -28.55
CA ILE B 23 8.71 -10.73 -27.69
C ILE B 23 7.47 -11.45 -28.14
N THR B 24 7.56 -12.77 -28.20
CA THR B 24 6.42 -13.65 -28.42
C THR B 24 6.11 -14.42 -27.15
N THR B 25 4.85 -14.71 -26.94
CA THR B 25 4.42 -15.63 -25.90
C THR B 25 3.15 -16.33 -26.36
N GLN B 26 3.12 -17.64 -26.12
CA GLN B 26 1.99 -18.49 -26.46
C GLN B 26 1.19 -18.91 -25.24
N GLU B 27 1.69 -18.64 -24.04
CA GLU B 27 1.13 -19.12 -22.78
C GLU B 27 1.06 -17.98 -21.78
N ALA B 28 0.43 -16.89 -22.22
CA ALA B 28 0.27 -15.70 -21.39
C ALA B 28 -1.05 -15.69 -20.65
N ALA B 29 -1.13 -14.78 -19.68
CA ALA B 29 -2.39 -14.45 -19.02
C ALA B 29 -3.07 -13.24 -19.65
N ASN B 30 -2.46 -12.08 -19.52
CA ASN B 30 -2.93 -10.81 -20.05
C ASN B 30 -1.83 -9.80 -19.75
N ILE B 31 -2.09 -8.52 -20.03
CA ILE B 31 -1.18 -7.43 -19.71
C ILE B 31 -1.79 -6.62 -18.59
N ILE B 32 -1.00 -6.32 -17.57
CA ILE B 32 -1.40 -5.44 -16.48
C ILE B 32 -0.93 -4.03 -16.80
N VAL B 33 -1.89 -3.12 -16.89
CA VAL B 33 -1.61 -1.71 -17.07
C VAL B 33 -1.71 -1.04 -15.73
N GLY B 34 -0.60 -0.46 -15.28
CA GLY B 34 -0.46 -0.12 -13.87
C GLY B 34 -1.27 1.10 -13.46
N TYR B 35 -2.05 0.94 -12.40
CA TYR B 35 -2.91 1.99 -11.84
C TYR B 35 -3.81 2.61 -12.90
N GLY B 36 -4.17 1.81 -13.90
CA GLY B 36 -5.01 2.24 -14.99
C GLY B 36 -4.51 3.43 -15.76
N GLU B 37 -3.20 3.69 -15.72
CA GLU B 37 -2.59 4.79 -16.44
C GLU B 37 -1.54 4.22 -17.38
N TRP B 38 -1.65 4.53 -18.60
CA TRP B 38 -0.60 4.23 -19.55
C TRP B 38 0.50 5.27 -19.41
N PRO B 39 1.75 4.96 -19.78
CA PRO B 39 2.79 5.97 -19.74
C PRO B 39 2.52 7.12 -20.69
N SER B 40 2.97 8.29 -20.30
CA SER B 40 2.73 9.52 -21.02
C SER B 40 3.97 10.40 -20.93
N TYR B 41 3.91 11.50 -21.64
CA TYR B 41 4.94 12.53 -21.60
C TYR B 41 4.52 13.66 -20.67
N CYS B 42 5.51 14.43 -20.25
CA CYS B 42 5.31 15.48 -19.27
C CYS B 42 4.64 16.68 -19.92
N SER B 43 3.49 17.07 -19.38
CA SER B 43 2.75 18.22 -19.85
C SER B 43 3.45 19.52 -19.44
N ASP B 44 3.05 20.60 -20.10
CA ASP B 44 3.64 21.91 -19.84
C ASP B 44 3.13 22.52 -18.55
N ASP B 45 1.98 22.06 -18.06
CA ASP B 45 1.48 22.47 -16.76
C ASP B 45 2.24 21.78 -15.62
N ASP B 46 2.50 20.50 -15.75
CA ASP B 46 3.24 19.77 -14.73
C ASP B 46 4.73 20.07 -14.75
N ALA B 47 5.25 20.49 -15.90
CA ALA B 47 6.66 20.80 -16.03
C ALA B 47 7.03 22.06 -15.28
N THR B 48 8.25 22.08 -14.76
CA THR B 48 8.86 23.27 -14.19
C THR B 48 10.18 23.65 -14.85
N ALA B 49 11.00 22.66 -15.23
CA ALA B 49 12.25 22.94 -15.89
C ALA B 49 12.01 23.41 -17.32
N VAL B 50 12.84 24.36 -17.77
CA VAL B 50 12.56 25.08 -19.00
C VAL B 50 13.40 24.59 -20.17
N ASP B 51 14.45 23.84 -19.91
CA ASP B 51 15.23 23.28 -21.00
C ASP B 51 14.39 22.31 -21.82
N LYS B 52 14.70 22.25 -23.09
CA LYS B 52 14.02 21.32 -23.97
C LYS B 52 14.53 19.91 -23.69
N PRO B 53 13.66 18.95 -23.39
CA PRO B 53 14.14 17.58 -23.19
C PRO B 53 14.29 16.84 -24.51
N THR B 54 15.27 15.93 -24.52
CA THR B 54 15.44 15.02 -25.64
C THR B 54 14.54 13.81 -25.45
N ARG B 55 13.88 13.42 -26.53
CA ARG B 55 12.95 12.30 -26.56
C ARG B 55 13.41 11.32 -27.63
N PRO B 56 14.40 10.47 -27.33
CA PRO B 56 14.85 9.47 -28.30
C PRO B 56 13.91 8.28 -28.35
N ASP B 57 13.21 8.15 -29.47
CA ASP B 57 12.07 7.26 -29.51
C ASP B 57 12.50 5.80 -29.44
N VAL B 58 13.35 5.35 -30.35
CA VAL B 58 13.59 3.93 -30.54
C VAL B 58 14.92 3.45 -29.96
N SER B 59 15.82 4.36 -29.62
CA SER B 59 17.14 3.95 -29.16
C SER B 59 17.17 3.65 -27.67
N VAL B 60 16.18 4.12 -26.91
CA VAL B 60 16.08 3.82 -25.49
C VAL B 60 14.78 3.12 -25.13
N ASN B 61 13.70 3.34 -25.86
CA ASN B 61 12.45 2.63 -25.63
C ASN B 61 12.48 1.35 -26.43
N ARG B 62 13.03 0.32 -25.81
CA ARG B 62 13.19 -0.99 -26.44
C ARG B 62 13.49 -1.98 -25.35
N PHE B 63 13.28 -3.26 -25.66
CA PHE B 63 13.40 -4.29 -24.65
C PHE B 63 14.86 -4.60 -24.39
N TYR B 64 15.21 -4.60 -23.11
CA TYR B 64 16.53 -4.91 -22.63
C TYR B 64 16.42 -6.14 -21.76
N THR B 65 17.38 -7.04 -21.89
CA THR B 65 17.41 -8.30 -21.15
C THR B 65 18.58 -8.29 -20.18
N LEU B 66 18.28 -8.42 -18.89
CA LEU B 66 19.24 -8.15 -17.83
C LEU B 66 20.13 -9.35 -17.53
N ASP B 67 19.53 -10.44 -17.09
CA ASP B 67 20.25 -11.60 -16.60
C ASP B 67 19.22 -12.70 -16.34
N THR B 68 19.67 -13.78 -15.72
CA THR B 68 18.86 -14.97 -15.54
C THR B 68 19.09 -15.54 -14.15
N LYS B 69 18.05 -15.53 -13.34
CA LYS B 69 18.07 -16.16 -12.04
C LYS B 69 17.50 -17.57 -12.14
N LEU B 70 18.02 -18.47 -11.31
CA LEU B 70 17.61 -19.87 -11.28
C LEU B 70 16.62 -20.09 -10.14
N TRP B 71 15.46 -20.63 -10.48
CA TRP B 71 14.49 -21.06 -9.49
C TRP B 71 14.85 -22.46 -9.01
N GLU B 72 15.43 -22.54 -7.82
CA GLU B 72 15.73 -23.78 -7.15
C GLU B 72 14.63 -24.09 -6.15
N LYS B 73 14.78 -25.22 -5.45
CA LYS B 73 13.84 -25.56 -4.40
C LYS B 73 13.96 -24.58 -3.23
N SER B 74 15.19 -24.23 -2.86
CA SER B 74 15.48 -23.46 -1.67
C SER B 74 15.49 -21.96 -1.93
N SER B 75 14.77 -21.51 -2.96
CA SER B 75 14.75 -20.10 -3.29
C SER B 75 13.90 -19.32 -2.29
N LYS B 76 14.20 -18.03 -2.19
CA LYS B 76 13.51 -17.11 -1.31
C LYS B 76 12.93 -15.91 -2.04
N GLY B 77 13.58 -15.46 -3.11
CA GLY B 77 13.11 -14.32 -3.87
C GLY B 77 14.22 -13.41 -4.31
N TRP B 78 13.90 -12.48 -5.21
CA TRP B 78 14.85 -11.54 -5.77
C TRP B 78 14.15 -10.22 -6.01
N TYR B 79 14.90 -9.13 -5.91
CA TYR B 79 14.38 -7.82 -6.26
C TYR B 79 15.36 -7.08 -7.16
N TRP B 80 14.78 -6.22 -8.01
CA TRP B 80 15.51 -5.35 -8.91
C TRP B 80 14.93 -3.95 -8.78
N LYS B 81 15.79 -2.95 -8.86
CA LYS B 81 15.42 -1.56 -8.66
C LYS B 81 15.50 -0.81 -9.96
N PHE B 82 14.48 -0.02 -10.24
CA PHE B 82 14.34 0.73 -11.46
C PHE B 82 14.53 2.22 -11.19
N PRO B 83 15.27 2.94 -12.03
CA PRO B 83 15.94 2.61 -13.30
C PRO B 83 17.38 2.14 -13.15
N ASP B 84 17.80 1.77 -11.94
CA ASP B 84 19.18 1.33 -11.71
C ASP B 84 19.60 0.17 -12.60
N VAL B 85 18.63 -0.60 -13.12
CA VAL B 85 18.94 -1.75 -13.93
C VAL B 85 19.46 -1.38 -15.31
N LEU B 86 19.23 -0.14 -15.76
CA LEU B 86 19.57 0.30 -17.10
C LEU B 86 20.53 1.48 -17.11
N THR B 87 21.23 1.74 -16.02
CA THR B 87 22.15 2.86 -15.93
C THR B 87 23.55 2.51 -16.38
N GLU B 88 23.79 1.27 -16.81
CA GLU B 88 25.05 0.87 -17.42
C GLU B 88 24.85 0.10 -18.72
N THR B 89 23.71 0.28 -19.38
CA THR B 89 23.26 -0.59 -20.45
C THR B 89 22.74 0.26 -21.60
N GLY B 90 23.33 0.10 -22.78
CA GLY B 90 22.87 0.72 -23.99
C GLY B 90 22.84 2.23 -24.00
N VAL B 91 21.97 2.74 -24.86
CA VAL B 91 21.85 4.18 -25.10
C VAL B 91 21.06 4.85 -23.99
N PHE B 92 20.15 4.13 -23.35
CA PHE B 92 19.44 4.65 -22.19
C PHE B 92 20.41 5.02 -21.08
N GLY B 93 21.30 4.11 -20.72
CA GLY B 93 22.27 4.32 -19.68
C GLY B 93 23.41 5.26 -20.03
N GLN B 94 23.39 5.84 -21.22
CA GLN B 94 24.27 6.96 -21.54
C GLN B 94 23.55 8.28 -21.51
N ASN B 95 22.35 8.36 -22.08
CA ASN B 95 21.52 9.55 -21.91
C ASN B 95 21.20 9.81 -20.45
N ALA B 96 21.09 8.76 -19.64
CA ALA B 96 20.78 8.94 -18.23
C ALA B 96 21.98 9.42 -17.44
N GLN B 97 23.18 9.01 -17.84
CA GLN B 97 24.40 9.52 -17.22
C GLN B 97 24.77 10.90 -17.71
N PHE B 98 24.56 11.18 -19.00
CA PHE B 98 24.90 12.47 -19.55
C PHE B 98 23.92 13.56 -19.13
N HIS B 99 22.70 13.19 -18.79
CA HIS B 99 21.70 14.12 -18.31
C HIS B 99 21.54 14.00 -16.80
N TYR B 100 20.83 14.97 -16.24
CA TYR B 100 20.53 15.05 -14.82
C TYR B 100 19.12 14.61 -14.49
N LEU B 101 18.17 14.91 -15.37
CA LEU B 101 16.77 14.60 -15.17
C LEU B 101 16.34 13.42 -16.04
N TYR B 102 15.29 12.74 -15.60
CA TYR B 102 14.82 11.53 -16.22
C TYR B 102 13.33 11.30 -15.92
N ARG B 103 12.61 10.86 -16.94
CA ARG B 103 11.20 10.50 -16.81
C ARG B 103 10.90 9.37 -17.76
N SER B 104 10.31 8.29 -17.26
CA SER B 104 9.88 7.21 -18.12
C SER B 104 8.90 6.29 -17.41
N GLY B 105 8.04 5.67 -18.22
CA GLY B 105 7.38 4.43 -17.82
C GLY B 105 8.20 3.22 -18.19
N PHE B 106 7.59 2.06 -17.99
CA PHE B 106 8.23 0.80 -18.26
C PHE B 106 7.20 -0.24 -18.67
N CYS B 107 7.64 -1.20 -19.46
CA CYS B 107 6.97 -2.48 -19.64
C CYS B 107 7.94 -3.54 -19.16
N ILE B 108 7.63 -4.15 -18.04
CA ILE B 108 8.39 -5.28 -17.52
C ILE B 108 7.76 -6.56 -18.07
N HIS B 109 8.60 -7.56 -18.31
CA HIS B 109 8.18 -8.83 -18.84
C HIS B 109 9.11 -9.90 -18.31
N VAL B 110 8.56 -10.81 -17.51
CA VAL B 110 9.32 -11.84 -16.80
C VAL B 110 9.02 -13.17 -17.47
N GLN B 111 10.06 -13.99 -17.64
CA GLN B 111 9.97 -15.26 -18.33
C GLN B 111 10.39 -16.39 -17.43
N CYS B 112 9.55 -17.41 -17.32
CA CYS B 112 9.92 -18.66 -16.66
C CYS B 112 9.18 -19.78 -17.37
N ASN B 113 9.93 -20.68 -18.00
CA ASN B 113 9.39 -21.79 -18.76
C ASN B 113 9.55 -23.06 -17.94
N ALA B 114 8.53 -23.90 -17.93
CA ALA B 114 8.66 -25.24 -17.40
C ALA B 114 7.68 -26.13 -18.12
N SER B 115 7.74 -27.42 -17.81
CA SER B 115 6.94 -28.42 -18.49
C SER B 115 5.52 -28.41 -17.93
N LYS B 116 4.72 -29.37 -18.36
CA LYS B 116 3.41 -29.64 -17.79
C LYS B 116 3.47 -30.57 -16.60
N PHE B 117 4.64 -31.17 -16.33
CA PHE B 117 4.87 -32.00 -15.16
C PHE B 117 5.60 -31.23 -14.06
N HIS B 118 5.68 -29.91 -14.17
CA HIS B 118 6.26 -29.03 -13.18
C HIS B 118 5.15 -28.23 -12.53
N GLN B 119 5.36 -27.91 -11.24
CA GLN B 119 4.41 -27.12 -10.49
C GLN B 119 5.15 -26.06 -9.69
N GLY B 120 4.51 -24.91 -9.56
CA GLY B 120 5.04 -23.82 -8.76
C GLY B 120 4.40 -22.51 -9.15
N ALA B 121 4.54 -21.52 -8.27
CA ALA B 121 3.99 -20.21 -8.49
C ALA B 121 4.97 -19.14 -8.04
N LEU B 122 5.01 -18.05 -8.80
CA LEU B 122 5.81 -16.88 -8.47
C LEU B 122 4.90 -15.67 -8.45
N LEU B 123 5.07 -14.83 -7.43
CA LEU B 123 4.44 -13.53 -7.39
C LEU B 123 5.39 -12.50 -7.98
N VAL B 124 4.95 -11.83 -9.04
CA VAL B 124 5.73 -10.86 -9.77
C VAL B 124 5.05 -9.53 -9.57
N ALA B 125 5.65 -8.66 -8.75
CA ALA B 125 4.99 -7.44 -8.28
C ALA B 125 5.90 -6.22 -8.41
N ILE B 126 5.25 -5.07 -8.50
CA ILE B 126 5.89 -3.76 -8.62
C ILE B 126 5.59 -2.99 -7.35
N LEU B 127 6.61 -2.73 -6.55
CA LEU B 127 6.47 -2.00 -5.29
C LEU B 127 7.09 -0.60 -5.39
N PRO B 128 6.31 0.46 -5.49
CA PRO B 128 6.89 1.80 -5.54
C PRO B 128 7.61 2.19 -4.26
N GLU B 129 8.73 2.89 -4.45
CA GLU B 129 9.56 3.40 -3.37
C GLU B 129 9.92 2.29 -2.39
N TYR B 130 10.43 1.19 -2.93
CA TYR B 130 10.76 0.01 -2.14
C TYR B 130 12.03 0.29 -1.34
N VAL B 131 11.84 0.94 -0.21
CA VAL B 131 12.93 1.27 0.70
C VAL B 131 13.35 0.01 1.44
N ILE B 132 14.65 -0.19 1.54
CA ILE B 132 15.23 -1.43 2.06
C ILE B 132 15.65 -1.21 3.49
N GLY B 133 15.01 -1.93 4.40
CA GLY B 133 15.44 -2.00 5.78
C GLY B 133 16.34 -3.16 6.04
N THR B 134 16.83 -3.23 7.27
CA THR B 134 17.79 -4.24 7.68
C THR B 134 17.39 -4.79 9.04
N VAL B 135 18.06 -5.88 9.43
CA VAL B 135 17.73 -6.60 10.65
C VAL B 135 18.06 -5.85 11.92
N ALA B 136 18.76 -4.71 11.82
CA ALA B 136 19.02 -3.86 12.98
C ALA B 136 19.83 -4.59 14.04
N GLY B 137 20.78 -5.40 13.60
CA GLY B 137 21.54 -6.23 14.50
C GLY B 137 20.83 -7.48 14.96
N GLY B 138 19.58 -7.67 14.57
CA GLY B 138 18.77 -8.77 15.07
C GLY B 138 18.02 -8.46 16.34
N THR B 139 18.70 -7.83 17.29
CA THR B 139 18.07 -7.40 18.53
C THR B 139 17.27 -6.11 18.40
N GLY B 140 17.49 -5.34 17.33
CA GLY B 140 16.81 -4.09 17.14
C GLY B 140 17.46 -2.90 17.82
N THR B 141 18.67 -3.05 18.35
CA THR B 141 19.39 -1.97 19.01
C THR B 141 20.30 -1.20 18.07
N GLU B 142 21.10 -1.92 17.27
CA GLU B 142 21.89 -1.31 16.23
C GLU B 142 20.98 -0.64 15.21
N ASP B 143 21.30 0.61 14.87
CA ASP B 143 20.64 1.31 13.76
C ASP B 143 21.49 1.13 12.51
N SER B 144 21.57 -0.12 12.08
CA SER B 144 22.32 -0.48 10.90
C SER B 144 21.64 0.11 9.68
N HIS B 145 22.37 0.09 8.57
CA HIS B 145 21.88 0.62 7.30
C HIS B 145 22.31 -0.31 6.17
N PRO B 146 21.57 -0.34 5.07
CA PRO B 146 21.99 -1.18 3.95
C PRO B 146 23.10 -0.51 3.16
N PRO B 147 24.05 -1.27 2.60
CA PRO B 147 25.07 -0.66 1.76
C PRO B 147 24.51 -0.33 0.37
N TYR B 148 25.37 0.27 -0.46
CA TYR B 148 24.94 0.70 -1.77
C TYR B 148 24.65 -0.48 -2.70
N LYS B 149 25.34 -1.60 -2.49
CA LYS B 149 25.14 -2.80 -3.29
C LYS B 149 23.95 -3.62 -2.83
N GLN B 150 23.06 -3.04 -2.04
CA GLN B 150 21.80 -3.64 -1.66
C GLN B 150 20.60 -2.77 -1.99
N THR B 151 20.77 -1.45 -1.98
CA THR B 151 19.69 -0.53 -2.33
C THR B 151 19.66 -0.23 -3.82
N GLN B 152 20.83 -0.21 -4.47
CA GLN B 152 20.95 -0.10 -5.92
C GLN B 152 21.80 -1.25 -6.42
N PRO B 153 21.23 -2.46 -6.53
CA PRO B 153 22.04 -3.62 -6.90
C PRO B 153 22.19 -3.84 -8.39
N GLY B 154 21.45 -3.11 -9.22
CA GLY B 154 21.65 -3.16 -10.65
C GLY B 154 20.86 -4.24 -11.34
N ALA B 155 21.42 -4.70 -12.46
CA ALA B 155 20.85 -5.78 -13.24
C ALA B 155 21.05 -7.15 -12.61
N ASP B 156 21.98 -7.28 -11.67
CA ASP B 156 22.20 -8.56 -11.02
C ASP B 156 21.10 -8.85 -10.02
N GLY B 157 20.45 -7.82 -9.49
CA GLY B 157 19.46 -7.99 -8.46
C GLY B 157 20.07 -8.50 -7.17
N PHE B 158 19.21 -8.65 -6.17
CA PHE B 158 19.64 -9.05 -4.84
C PHE B 158 18.67 -10.05 -4.26
N GLU B 159 19.23 -11.01 -3.53
CA GLU B 159 18.44 -12.08 -2.94
C GLU B 159 17.87 -11.67 -1.59
N LEU B 160 16.55 -11.76 -1.46
CA LEU B 160 15.85 -11.41 -0.23
C LEU B 160 16.31 -12.31 0.90
N GLN B 161 16.60 -11.70 2.06
CA GLN B 161 16.96 -12.46 3.25
C GLN B 161 15.72 -12.97 3.98
N HIS B 162 14.74 -12.08 4.20
CA HIS B 162 13.49 -12.41 4.88
C HIS B 162 12.35 -11.95 3.98
N PRO B 163 11.91 -12.79 3.02
CA PRO B 163 10.90 -12.34 2.08
C PRO B 163 9.51 -12.27 2.66
N TYR B 164 9.29 -12.74 3.89
CA TYR B 164 8.00 -12.58 4.53
C TYR B 164 7.69 -11.11 4.77
N VAL B 165 8.70 -10.36 5.23
CA VAL B 165 8.57 -8.93 5.48
C VAL B 165 9.18 -8.09 4.36
N LEU B 166 9.66 -8.72 3.29
CA LEU B 166 10.26 -8.05 2.14
C LEU B 166 11.48 -7.23 2.50
N ASP B 167 12.15 -7.59 3.59
CA ASP B 167 13.30 -6.85 4.11
C ASP B 167 12.98 -5.37 4.33
N ALA B 168 11.72 -5.09 4.65
CA ALA B 168 11.27 -3.75 4.98
C ALA B 168 10.23 -3.72 6.10
N GLY B 169 9.93 -4.84 6.74
CA GLY B 169 8.97 -4.89 7.79
C GLY B 169 7.52 -4.86 7.35
N ILE B 170 7.25 -5.13 6.08
CA ILE B 170 5.90 -5.08 5.53
C ILE B 170 5.55 -6.44 4.95
N PRO B 171 4.34 -6.96 5.13
CA PRO B 171 4.07 -8.34 4.75
C PRO B 171 3.91 -8.53 3.26
N ILE B 172 4.52 -9.63 2.80
CA ILE B 172 4.36 -10.09 1.42
C ILE B 172 2.90 -10.31 1.08
N SER B 173 2.08 -10.75 2.04
CA SER B 173 0.69 -11.12 1.78
C SER B 173 -0.16 -9.96 1.29
N GLN B 174 0.15 -8.72 1.69
CA GLN B 174 -0.61 -7.56 1.25
C GLN B 174 0.00 -6.92 0.00
N LEU B 175 0.93 -7.61 -0.66
CA LEU B 175 1.64 -7.05 -1.79
C LEU B 175 0.86 -7.09 -3.08
N THR B 176 -0.27 -7.79 -3.12
CA THR B 176 -1.15 -7.75 -4.27
C THR B 176 -1.91 -6.43 -4.39
N VAL B 177 -1.78 -5.53 -3.42
CA VAL B 177 -2.39 -4.22 -3.50
C VAL B 177 -1.64 -3.32 -4.47
N CYS B 178 -0.41 -3.67 -4.81
CA CYS B 178 0.32 -3.04 -5.89
C CYS B 178 0.01 -3.78 -7.18
N HIS B 179 0.73 -3.43 -8.24
CA HIS B 179 0.68 -4.23 -9.46
C HIS B 179 1.19 -5.63 -9.18
N HIS B 180 0.66 -6.59 -9.91
CA HIS B 180 1.22 -7.93 -9.83
C HIS B 180 0.65 -8.78 -10.94
N GLN B 181 1.37 -9.86 -11.21
CA GLN B 181 0.83 -11.03 -11.88
C GLN B 181 1.37 -12.24 -11.14
N ARG B 182 0.85 -13.40 -11.49
CA ARG B 182 1.40 -14.67 -11.06
C ARG B 182 1.96 -15.37 -12.27
N ILE B 183 3.04 -16.12 -12.06
CA ILE B 183 3.47 -17.14 -13.00
C ILE B 183 3.18 -18.50 -12.39
N ASN B 184 2.01 -19.04 -12.72
CA ASN B 184 1.64 -20.40 -12.37
C ASN B 184 2.01 -21.30 -13.54
N LEU B 185 2.96 -22.20 -13.32
CA LEU B 185 3.58 -22.96 -14.38
C LEU B 185 2.61 -23.85 -15.15
N ARG B 186 1.46 -24.13 -14.55
CA ARG B 186 0.43 -24.95 -15.21
C ARG B 186 -0.57 -24.06 -15.96
N THR B 187 -0.33 -22.75 -15.96
CA THR B 187 -1.21 -21.83 -16.64
C THR B 187 -0.46 -20.85 -17.54
N ASN B 188 0.65 -20.30 -17.06
CA ASN B 188 1.34 -19.24 -17.80
C ASN B 188 2.83 -19.34 -17.54
N ASN B 189 3.59 -18.73 -18.46
CA ASN B 189 5.04 -18.65 -18.35
C ASN B 189 5.58 -17.24 -18.53
N CYS B 190 4.71 -16.25 -18.75
CA CYS B 190 5.13 -14.86 -18.85
C CYS B 190 4.27 -14.00 -17.93
N ALA B 191 4.85 -12.89 -17.49
CA ALA B 191 4.16 -11.92 -16.66
C ALA B 191 4.50 -10.52 -17.15
N THR B 192 3.51 -9.81 -17.67
CA THR B 192 3.69 -8.53 -18.34
C THR B 192 2.99 -7.43 -17.55
N ILE B 193 3.77 -6.47 -17.04
CA ILE B 193 3.25 -5.32 -16.33
C ILE B 193 3.76 -4.06 -17.02
N ILE B 194 2.86 -3.11 -17.22
CA ILE B 194 3.15 -1.81 -17.82
C ILE B 194 3.01 -0.75 -16.73
N VAL B 195 4.09 -0.06 -16.43
CA VAL B 195 4.17 0.87 -15.30
C VAL B 195 4.32 2.29 -15.84
N PRO B 196 3.53 3.25 -15.39
CA PRO B 196 3.81 4.65 -15.71
C PRO B 196 4.89 5.24 -14.79
N TYR B 197 5.29 6.46 -15.10
CA TYR B 197 6.16 7.19 -14.21
C TYR B 197 5.38 7.60 -12.96
N MET B 198 5.89 7.19 -11.80
CA MET B 198 5.26 7.44 -10.52
C MET B 198 6.26 8.20 -9.66
N ASN B 199 6.02 9.49 -9.47
CA ASN B 199 6.79 10.25 -8.53
C ASN B 199 6.04 11.53 -8.24
N THR B 200 6.39 12.14 -7.11
CA THR B 200 5.85 13.43 -6.71
C THR B 200 6.33 14.56 -7.60
N LEU B 201 7.37 14.34 -8.37
CA LEU B 201 8.00 15.28 -9.24
C LEU B 201 7.80 14.88 -10.68
N PRO B 202 7.90 15.81 -11.64
CA PRO B 202 7.72 15.41 -13.04
C PRO B 202 8.95 14.73 -13.61
N PHE B 203 10.13 15.12 -13.15
CA PHE B 203 11.38 14.47 -13.50
C PHE B 203 12.17 14.23 -12.22
N ASP B 204 13.18 13.39 -12.32
CA ASP B 204 14.07 13.13 -11.20
C ASP B 204 15.32 12.45 -11.73
N SER B 205 16.31 12.35 -10.87
CA SER B 205 17.55 11.68 -11.19
C SER B 205 17.36 10.17 -11.26
N ALA B 206 18.00 9.54 -12.24
CA ALA B 206 17.95 8.10 -12.39
C ALA B 206 19.01 7.36 -11.58
N LEU B 207 20.08 8.04 -11.19
CA LEU B 207 21.18 7.42 -10.47
C LEU B 207 21.02 7.49 -8.97
N ASN B 208 20.38 8.54 -8.46
CA ASN B 208 20.18 8.75 -7.04
C ASN B 208 18.89 8.14 -6.55
N HIS B 209 17.81 8.29 -7.32
CA HIS B 209 16.48 7.88 -6.93
C HIS B 209 16.00 6.74 -7.82
N CYS B 210 15.46 5.71 -7.20
CA CYS B 210 14.80 4.61 -7.87
C CYS B 210 13.31 4.69 -7.60
N ASN B 211 12.51 4.64 -8.67
CA ASN B 211 11.09 4.90 -8.54
C ASN B 211 10.36 3.73 -7.90
N PHE B 212 10.68 2.51 -8.33
CA PHE B 212 10.01 1.33 -7.82
C PHE B 212 10.96 0.15 -7.85
N GLY B 213 10.53 -0.92 -7.19
CA GLY B 213 11.21 -2.18 -7.21
C GLY B 213 10.39 -3.23 -7.91
N LEU B 214 11.01 -4.36 -8.25
CA LEU B 214 10.35 -5.47 -8.93
C LEU B 214 10.67 -6.73 -8.16
N LEU B 215 9.68 -7.26 -7.46
CA LEU B 215 9.83 -8.45 -6.64
C LEU B 215 9.41 -9.68 -7.42
N VAL B 216 10.19 -10.74 -7.29
CA VAL B 216 9.89 -12.06 -7.84
C VAL B 216 10.10 -13.04 -6.70
N VAL B 217 9.01 -13.54 -6.13
CA VAL B 217 9.02 -14.35 -4.92
C VAL B 217 8.24 -15.62 -5.21
N PRO B 218 8.77 -16.82 -4.91
CA PRO B 218 7.93 -18.03 -4.94
C PRO B 218 7.07 -18.16 -3.69
N ILE B 219 5.76 -18.09 -3.88
CA ILE B 219 4.83 -18.40 -2.79
C ILE B 219 4.68 -19.90 -2.64
N SER B 220 4.47 -20.58 -3.75
CA SER B 220 4.43 -22.02 -3.83
C SER B 220 5.76 -22.54 -4.34
N PRO B 221 6.39 -23.52 -3.69
CA PRO B 221 7.74 -23.92 -4.10
C PRO B 221 7.74 -24.83 -5.32
N LEU B 222 8.83 -24.73 -6.07
CA LEU B 222 9.02 -25.55 -7.25
C LEU B 222 9.24 -27.00 -6.85
N ASP B 223 8.61 -27.90 -7.58
CA ASP B 223 8.80 -29.33 -7.34
C ASP B 223 8.71 -30.08 -8.66
N PHE B 224 9.52 -31.12 -8.76
CA PHE B 224 9.54 -32.01 -9.90
C PHE B 224 10.14 -33.32 -9.43
N ASP B 225 9.89 -34.37 -10.20
CA ASP B 225 10.45 -35.69 -9.91
C ASP B 225 11.76 -35.87 -10.65
N GLN B 226 12.61 -36.73 -10.08
CA GLN B 226 13.98 -36.91 -10.54
C GLN B 226 13.98 -37.45 -11.97
N GLY B 227 14.41 -36.62 -12.90
CA GLY B 227 14.47 -36.97 -14.31
C GLY B 227 14.09 -35.82 -15.20
N ALA B 228 13.29 -34.89 -14.66
CA ALA B 228 12.90 -33.70 -15.38
C ALA B 228 14.01 -32.66 -15.34
N THR B 229 13.87 -31.66 -16.19
CA THR B 229 14.85 -30.59 -16.30
C THR B 229 14.92 -29.81 -14.99
N PRO B 230 16.00 -29.91 -14.21
CA PRO B 230 16.00 -29.25 -12.90
C PRO B 230 16.37 -27.78 -12.93
N VAL B 231 16.82 -27.26 -14.07
CA VAL B 231 17.19 -25.86 -14.20
C VAL B 231 16.00 -25.14 -14.79
N ILE B 232 15.35 -24.32 -13.97
CA ILE B 232 14.16 -23.57 -14.32
C ILE B 232 14.53 -22.09 -14.24
N PRO B 233 14.93 -21.45 -15.34
CA PRO B 233 15.43 -20.07 -15.20
C PRO B 233 14.33 -19.04 -15.18
N ILE B 234 14.61 -17.92 -14.51
CA ILE B 234 13.74 -16.75 -14.50
C ILE B 234 14.52 -15.63 -15.15
N THR B 235 13.95 -15.04 -16.19
CA THR B 235 14.62 -14.03 -17.00
C THR B 235 13.80 -12.76 -17.00
N ILE B 236 14.45 -11.64 -16.69
CA ILE B 236 13.81 -10.34 -16.64
C ILE B 236 14.09 -9.61 -17.93
N THR B 237 13.05 -9.06 -18.53
CA THR B 237 13.12 -8.40 -19.82
C THR B 237 12.18 -7.21 -19.79
N LEU B 238 12.71 -6.03 -20.05
CA LEU B 238 12.02 -4.79 -19.74
C LEU B 238 12.32 -3.72 -20.77
N ALA B 239 11.33 -2.87 -21.01
CA ALA B 239 11.37 -1.84 -22.02
C ALA B 239 10.97 -0.50 -21.41
N PRO B 240 11.79 0.53 -21.51
CA PRO B 240 11.31 1.87 -21.20
C PRO B 240 10.20 2.31 -22.13
N MET B 241 9.48 3.32 -21.71
CA MET B 241 8.32 3.81 -22.43
C MET B 241 8.20 5.30 -22.17
N CYS B 242 8.09 6.07 -23.24
CA CYS B 242 7.90 7.51 -23.15
C CYS B 242 9.03 8.16 -22.35
N SER B 243 10.26 7.82 -22.72
CA SER B 243 11.42 8.32 -22.02
C SER B 243 11.72 9.77 -22.35
N GLU B 244 12.36 10.45 -21.42
CA GLU B 244 12.59 11.89 -21.49
C GLU B 244 13.78 12.19 -20.60
N PHE B 245 14.69 13.02 -21.10
CA PHE B 245 15.92 13.38 -20.42
C PHE B 245 16.13 14.87 -20.54
N ALA B 246 16.64 15.48 -19.48
CA ALA B 246 16.82 16.93 -19.44
C ALA B 246 17.93 17.32 -18.48
N GLY B 247 18.74 18.25 -18.93
CA GLY B 247 19.83 18.81 -18.15
C GLY B 247 21.13 18.11 -18.46
N LEU B 248 21.86 18.63 -19.45
CA LEU B 248 22.98 17.94 -20.05
C LEU B 248 24.28 18.48 -19.51
N ARG B 249 25.16 17.56 -19.13
CA ARG B 249 26.48 17.88 -18.62
C ARG B 249 27.33 16.63 -18.79
N GLN B 250 28.47 16.58 -18.12
CA GLN B 250 29.36 15.45 -18.30
C GLN B 250 28.71 14.17 -17.81
N ALA B 251 29.27 13.05 -18.25
CA ALA B 251 28.77 11.74 -17.85
C ALA B 251 29.32 11.38 -16.49
N VAL B 252 28.44 11.26 -15.52
CA VAL B 252 28.78 10.78 -14.18
C VAL B 252 27.97 9.52 -13.95
N THR B 253 28.61 8.55 -13.31
CA THR B 253 28.00 7.24 -13.11
C THR B 253 27.24 7.12 -11.80
N GLN B 254 27.63 7.86 -10.77
CA GLN B 254 26.97 7.77 -9.48
C GLN B 254 27.08 9.08 -8.71
N GLY C 1 -20.00 45.21 22.40
CA GLY C 1 -20.38 44.34 23.53
C GLY C 1 -21.62 43.52 23.23
N PHE C 2 -21.57 42.79 22.14
CA PHE C 2 -22.67 41.91 21.78
C PHE C 2 -22.79 40.82 22.85
N PRO C 3 -23.86 40.77 23.63
CA PRO C 3 -23.88 39.87 24.79
C PRO C 3 -24.01 38.41 24.38
N THR C 4 -23.25 37.56 25.07
CA THR C 4 -23.20 36.13 24.80
C THR C 4 -23.14 35.41 26.13
N GLU C 5 -23.44 34.11 26.08
CA GLU C 5 -23.29 33.20 27.20
C GLU C 5 -22.48 32.03 26.72
N LEU C 6 -21.40 31.73 27.43
CA LEU C 6 -20.58 30.58 27.08
C LEU C 6 -21.17 29.31 27.67
N LYS C 7 -21.41 28.35 26.82
CA LYS C 7 -22.05 27.11 27.17
C LYS C 7 -21.02 26.04 27.46
N PRO C 8 -21.40 24.95 28.14
CA PRO C 8 -20.44 23.88 28.38
C PRO C 8 -20.02 23.21 27.09
N GLY C 9 -18.85 22.59 27.15
CA GLY C 9 -18.12 22.27 25.95
C GLY C 9 -17.14 23.35 25.58
N THR C 10 -16.59 24.04 26.55
CA THR C 10 -15.85 25.27 26.37
C THR C 10 -14.43 25.05 26.86
N ASN C 11 -13.47 25.36 25.99
CA ASN C 11 -12.05 25.22 26.29
C ASN C 11 -11.64 23.77 26.44
N GLN C 12 -12.26 22.91 25.65
CA GLN C 12 -11.89 21.51 25.52
C GLN C 12 -11.34 21.26 24.12
N PHE C 13 -10.38 20.36 24.03
CA PHE C 13 -9.81 19.94 22.78
C PHE C 13 -10.38 18.55 22.46
N LEU C 14 -11.39 18.53 21.59
CA LEU C 14 -11.91 17.29 21.03
C LEU C 14 -11.20 17.00 19.72
N THR C 15 -10.48 15.88 19.68
CA THR C 15 -9.64 15.55 18.54
C THR C 15 -10.41 15.38 17.24
N THR C 16 -11.66 14.91 17.28
CA THR C 16 -12.46 14.75 16.08
C THR C 16 -13.38 15.94 15.83
N ASP C 17 -12.99 17.13 16.28
CA ASP C 17 -13.74 18.34 15.97
C ASP C 17 -13.13 19.02 14.77
N ASP C 18 -13.96 19.29 13.77
CA ASP C 18 -13.55 19.88 12.51
C ASP C 18 -14.01 21.33 12.50
N GLY C 19 -13.09 22.24 12.84
CA GLY C 19 -13.35 23.65 12.76
C GLY C 19 -12.21 24.41 12.13
N VAL C 20 -12.36 25.73 12.16
CA VAL C 20 -11.41 26.65 11.58
C VAL C 20 -10.38 27.00 12.63
N SER C 21 -9.12 26.91 12.26
CA SER C 21 -8.00 27.29 13.10
C SER C 21 -7.28 28.45 12.44
N ALA C 22 -6.37 29.04 13.19
CA ALA C 22 -5.72 30.26 12.73
C ALA C 22 -4.55 29.90 11.81
N PRO C 23 -4.40 30.56 10.66
CA PRO C 23 -3.28 30.23 9.78
C PRO C 23 -2.01 30.96 10.13
N ILE C 24 -0.90 30.26 9.97
CA ILE C 24 0.41 30.81 10.33
C ILE C 24 1.08 31.55 9.19
N LEU C 25 0.78 31.21 7.94
CA LEU C 25 1.46 31.78 6.78
C LEU C 25 0.44 32.41 5.85
N PRO C 26 0.17 33.71 5.96
CA PRO C 26 -0.76 34.34 5.04
C PRO C 26 -0.17 34.51 3.65
N ASN C 27 -1.05 34.43 2.65
CA ASN C 27 -0.68 34.64 1.25
C ASN C 27 0.34 33.59 0.81
N PHE C 28 0.19 32.39 1.35
CA PHE C 28 0.98 31.21 0.98
C PHE C 28 0.12 30.38 0.04
N HIS C 29 0.51 30.34 -1.23
CA HIS C 29 -0.05 29.39 -2.16
C HIS C 29 0.88 28.19 -2.25
N PRO C 30 0.41 26.95 -2.17
CA PRO C 30 1.33 25.82 -2.13
C PRO C 30 1.86 25.49 -3.52
N THR C 31 2.76 24.52 -3.55
CA THR C 31 3.22 23.97 -4.81
C THR C 31 2.06 23.32 -5.55
N PRO C 32 1.97 23.49 -6.87
CA PRO C 32 0.88 22.82 -7.59
C PRO C 32 1.04 21.31 -7.57
N CYS C 33 -0.08 20.62 -7.75
CA CYS C 33 -0.10 19.17 -7.74
C CYS C 33 -0.09 18.65 -9.17
N ILE C 34 0.92 17.86 -9.48
CA ILE C 34 1.01 17.18 -10.77
C ILE C 34 0.12 15.95 -10.72
N HIS C 35 -0.13 15.36 -11.88
CA HIS C 35 -0.90 14.12 -11.93
C HIS C 35 -0.01 12.95 -11.52
N ILE C 36 -0.23 12.44 -10.32
CA ILE C 36 0.44 11.25 -9.82
C ILE C 36 -0.55 10.10 -9.97
N PRO C 37 -0.14 8.94 -10.45
CA PRO C 37 -1.07 7.82 -10.55
C PRO C 37 -1.20 7.03 -9.26
N GLY C 38 -2.40 6.49 -9.06
CA GLY C 38 -2.69 5.66 -7.91
C GLY C 38 -3.49 6.36 -6.85
N GLU C 39 -4.28 7.35 -7.24
CA GLU C 39 -4.97 8.19 -6.28
C GLU C 39 -6.10 7.41 -5.61
N VAL C 40 -6.06 7.40 -4.29
CA VAL C 40 -7.08 6.77 -3.47
C VAL C 40 -8.09 7.83 -3.06
N ARG C 41 -9.35 7.45 -3.08
CA ARG C 41 -10.46 8.30 -2.69
C ARG C 41 -11.33 7.66 -1.63
N ASN C 42 -11.19 6.36 -1.40
CA ASN C 42 -11.99 5.62 -0.45
C ASN C 42 -11.26 4.32 -0.17
N LEU C 43 -11.28 3.89 1.09
CA LEU C 43 -10.61 2.67 1.46
C LEU C 43 -11.32 1.42 0.98
N LEU C 44 -12.57 1.52 0.56
CA LEU C 44 -13.28 0.42 -0.04
C LEU C 44 -12.78 0.09 -1.44
N GLU C 45 -11.97 0.96 -2.02
CA GLU C 45 -11.24 0.61 -3.22
C GLU C 45 -10.20 -0.47 -2.94
N LEU C 46 -9.74 -0.57 -1.70
CA LEU C 46 -8.68 -1.49 -1.30
C LEU C 46 -9.19 -2.72 -0.60
N CYS C 47 -10.35 -2.62 0.03
CA CYS C 47 -11.00 -3.80 0.58
C CYS C 47 -11.49 -4.74 -0.50
N GLN C 48 -11.69 -4.24 -1.72
CA GLN C 48 -12.03 -5.05 -2.88
C GLN C 48 -10.82 -5.63 -3.59
N VAL C 49 -9.65 -5.55 -2.97
CA VAL C 49 -8.42 -6.09 -3.54
C VAL C 49 -8.14 -7.44 -2.91
N GLU C 50 -7.79 -8.41 -3.72
CA GLU C 50 -7.46 -9.76 -3.28
C GLU C 50 -6.06 -9.75 -2.69
N THR C 51 -5.96 -10.14 -1.42
CA THR C 51 -4.70 -10.33 -0.73
C THR C 51 -4.69 -11.71 -0.09
N ILE C 52 -3.50 -12.17 0.23
CA ILE C 52 -3.28 -13.57 0.56
C ILE C 52 -3.79 -13.84 1.97
N LEU C 53 -4.61 -14.88 2.10
CA LEU C 53 -5.18 -15.31 3.36
C LEU C 53 -4.36 -16.46 3.92
N GLU C 54 -3.78 -16.25 5.09
CA GLU C 54 -2.88 -17.20 5.72
C GLU C 54 -3.69 -18.27 6.44
N VAL C 55 -4.20 -19.22 5.66
CA VAL C 55 -4.94 -20.33 6.24
C VAL C 55 -4.01 -21.21 7.07
N ASN C 56 -2.90 -21.65 6.50
CA ASN C 56 -2.00 -22.55 7.22
C ASN C 56 -1.10 -21.71 8.14
N ASN C 57 -1.74 -21.17 9.17
CA ASN C 57 -1.03 -20.32 10.12
C ASN C 57 -0.50 -21.13 11.29
N VAL C 58 0.10 -22.27 10.98
CA VAL C 58 0.70 -23.15 11.98
C VAL C 58 2.14 -22.78 12.28
N PRO C 59 3.02 -22.61 11.28
CA PRO C 59 4.44 -22.39 11.62
C PRO C 59 4.68 -21.00 12.15
N THR C 60 5.69 -20.90 13.02
CA THR C 60 6.05 -19.66 13.68
C THR C 60 7.52 -19.31 13.53
N ASN C 61 8.40 -20.30 13.44
CA ASN C 61 9.83 -20.04 13.28
C ASN C 61 10.10 -19.31 11.96
N ALA C 62 11.17 -18.50 11.97
CA ALA C 62 11.54 -17.72 10.80
C ALA C 62 11.88 -18.60 9.60
N THR C 63 12.35 -19.82 9.86
CA THR C 63 12.74 -20.71 8.78
C THR C 63 11.57 -21.07 7.87
N SER C 64 10.34 -20.99 8.37
CA SER C 64 9.17 -21.55 7.71
C SER C 64 7.97 -20.63 7.82
N LEU C 65 8.20 -19.33 7.68
CA LEU C 65 7.12 -18.34 7.70
C LEU C 65 6.51 -18.10 6.34
N MET C 66 7.21 -18.44 5.26
CA MET C 66 6.62 -18.38 3.94
C MET C 66 5.69 -19.55 3.66
N GLU C 67 5.74 -20.59 4.48
CA GLU C 67 4.81 -21.70 4.40
C GLU C 67 3.39 -21.33 4.78
N ARG C 68 3.18 -20.17 5.38
CA ARG C 68 1.87 -19.74 5.83
C ARG C 68 1.00 -19.20 4.71
N LEU C 69 1.53 -19.07 3.49
CA LEU C 69 0.81 -18.47 2.39
C LEU C 69 0.21 -19.50 1.44
N ARG C 70 0.48 -20.79 1.65
CA ARG C 70 -0.07 -21.86 0.83
C ARG C 70 -0.23 -23.10 1.68
N PHE C 71 -1.32 -23.82 1.45
CA PHE C 71 -1.65 -25.01 2.22
C PHE C 71 -1.79 -26.22 1.30
N PRO C 72 -1.45 -27.42 1.78
CA PRO C 72 -1.25 -28.55 0.89
C PRO C 72 -2.53 -29.27 0.50
N VAL C 73 -2.45 -29.94 -0.64
CA VAL C 73 -3.49 -30.86 -1.10
C VAL C 73 -2.79 -32.03 -1.78
N SER C 74 -3.15 -33.24 -1.36
CA SER C 74 -2.41 -34.44 -1.68
C SER C 74 -3.36 -35.57 -2.00
N ALA C 75 -2.80 -36.77 -2.14
CA ALA C 75 -3.57 -37.95 -2.46
C ALA C 75 -4.14 -38.57 -1.20
N GLN C 76 -5.43 -38.89 -1.24
CA GLN C 76 -6.15 -39.42 -0.10
C GLN C 76 -6.76 -40.77 -0.47
N ALA C 77 -7.50 -41.35 0.48
CA ALA C 77 -8.17 -42.63 0.29
C ALA C 77 -9.55 -42.51 -0.32
N GLY C 78 -10.00 -41.32 -0.68
CA GLY C 78 -11.31 -41.16 -1.28
C GLY C 78 -12.48 -41.33 -0.36
N LYS C 79 -12.39 -40.79 0.86
CA LYS C 79 -13.44 -40.88 1.86
C LYS C 79 -14.08 -39.53 2.17
N GLY C 80 -13.92 -38.55 1.29
CA GLY C 80 -14.44 -37.22 1.54
C GLY C 80 -13.74 -36.51 2.67
N GLU C 81 -12.41 -36.55 2.65
CA GLU C 81 -11.62 -36.12 3.78
C GLU C 81 -11.50 -34.60 3.83
N LEU C 82 -11.08 -34.12 4.99
CA LEU C 82 -10.94 -32.71 5.30
C LEU C 82 -9.53 -32.23 4.99
N CYS C 83 -9.44 -31.11 4.28
CA CYS C 83 -8.17 -30.45 4.03
C CYS C 83 -7.91 -29.33 5.02
N ALA C 84 -8.81 -28.35 5.09
CA ALA C 84 -8.59 -27.16 5.89
C ALA C 84 -9.94 -26.61 6.34
N VAL C 85 -9.91 -25.88 7.45
CA VAL C 85 -11.08 -25.21 7.97
C VAL C 85 -10.65 -23.93 8.66
N PHE C 86 -11.43 -22.87 8.44
CA PHE C 86 -11.12 -21.58 9.04
C PHE C 86 -12.40 -20.77 9.16
N ARG C 87 -12.32 -19.75 9.99
CA ARG C 87 -13.46 -18.87 10.22
C ARG C 87 -13.57 -17.81 9.14
N ALA C 88 -14.80 -17.42 8.84
CA ALA C 88 -15.09 -16.35 7.89
C ALA C 88 -15.11 -14.97 8.55
N ASP C 89 -14.46 -14.84 9.70
CA ASP C 89 -14.47 -13.59 10.45
C ASP C 89 -13.23 -12.77 10.12
N PRO C 90 -13.36 -11.58 9.50
CA PRO C 90 -12.14 -10.83 9.17
C PRO C 90 -11.45 -10.20 10.36
N GLY C 91 -12.21 -9.62 11.29
CA GLY C 91 -11.59 -8.96 12.42
C GLY C 91 -11.09 -9.89 13.49
N ARG C 92 -11.47 -11.15 13.44
CA ARG C 92 -11.05 -12.11 14.44
C ARG C 92 -9.62 -12.54 14.18
N ASP C 93 -8.90 -12.76 15.26
CA ASP C 93 -7.48 -13.08 15.16
C ASP C 93 -7.31 -14.44 14.53
N GLY C 94 -7.03 -14.45 13.23
CA GLY C 94 -6.80 -15.68 12.51
C GLY C 94 -6.22 -15.45 11.13
N PRO C 95 -6.63 -16.25 10.14
CA PRO C 95 -6.05 -16.12 8.80
C PRO C 95 -6.23 -14.75 8.16
N TRP C 96 -7.33 -14.06 8.44
CA TRP C 96 -7.63 -12.82 7.75
C TRP C 96 -6.76 -11.67 8.19
N GLN C 97 -5.97 -11.84 9.24
CA GLN C 97 -5.07 -10.79 9.69
C GLN C 97 -4.04 -10.40 8.63
N SER C 98 -3.72 -11.31 7.73
CA SER C 98 -2.75 -11.10 6.67
C SER C 98 -3.28 -10.26 5.52
N THR C 99 -4.57 -10.00 5.49
CA THR C 99 -5.21 -9.34 4.38
C THR C 99 -5.28 -7.84 4.64
N MET C 100 -5.46 -7.09 3.55
CA MET C 100 -5.68 -5.66 3.70
C MET C 100 -7.06 -5.37 4.24
N LEU C 101 -7.99 -6.30 4.09
CA LEU C 101 -9.30 -6.16 4.68
C LEU C 101 -9.24 -6.33 6.19
N GLY C 102 -8.52 -7.35 6.65
CA GLY C 102 -8.34 -7.63 8.04
C GLY C 102 -7.45 -6.69 8.81
N GLN C 103 -6.85 -5.70 8.15
CA GLN C 103 -6.06 -4.67 8.81
C GLN C 103 -6.72 -3.31 8.77
N LEU C 104 -7.47 -3.01 7.71
CA LEU C 104 -8.28 -1.81 7.66
C LEU C 104 -9.59 -1.98 8.41
N CYS C 105 -9.99 -3.20 8.75
CA CYS C 105 -11.11 -3.42 9.64
C CYS C 105 -10.74 -3.19 11.09
N GLY C 106 -9.45 -3.23 11.44
CA GLY C 106 -9.03 -2.85 12.77
C GLY C 106 -9.32 -1.41 13.07
N TYR C 107 -9.32 -0.56 12.06
CA TYR C 107 -9.58 0.84 12.20
C TYR C 107 -11.07 1.18 12.09
N TYR C 108 -11.94 0.18 12.09
CA TYR C 108 -13.37 0.37 12.05
C TYR C 108 -14.04 -0.65 12.95
N THR C 109 -15.20 -0.28 13.49
CA THR C 109 -15.81 -1.03 14.58
C THR C 109 -16.93 -1.95 14.10
N GLN C 110 -17.64 -1.55 13.05
CA GLN C 110 -18.76 -2.29 12.51
C GLN C 110 -18.60 -2.43 11.01
N TRP C 111 -18.75 -3.67 10.52
CA TRP C 111 -18.71 -3.94 9.10
C TRP C 111 -19.98 -4.64 8.65
N SER C 112 -20.26 -4.48 7.37
CA SER C 112 -21.37 -5.14 6.71
C SER C 112 -20.95 -5.49 5.30
N GLY C 113 -21.56 -6.54 4.77
CA GLY C 113 -21.46 -6.89 3.36
C GLY C 113 -20.81 -8.24 3.14
N SER C 114 -20.83 -8.63 1.88
CA SER C 114 -20.34 -9.95 1.48
C SER C 114 -18.84 -9.94 1.28
N LEU C 115 -18.24 -11.10 1.50
CA LEU C 115 -16.82 -11.31 1.33
C LEU C 115 -16.57 -12.14 0.08
N GLU C 116 -15.31 -12.48 -0.13
CA GLU C 116 -14.88 -13.11 -1.37
C GLU C 116 -13.56 -13.79 -1.08
N VAL C 117 -13.51 -15.11 -1.21
CA VAL C 117 -12.29 -15.89 -1.03
C VAL C 117 -12.00 -16.63 -2.32
N THR C 118 -10.82 -16.39 -2.86
CA THR C 118 -10.37 -16.94 -4.13
C THR C 118 -9.21 -17.88 -3.88
N PHE C 119 -9.40 -19.14 -4.23
CA PHE C 119 -8.38 -20.17 -4.08
C PHE C 119 -7.81 -20.48 -5.45
N MET C 120 -6.48 -20.53 -5.54
CA MET C 120 -5.78 -20.86 -6.78
C MET C 120 -5.02 -22.16 -6.59
N PHE C 121 -5.14 -23.04 -7.57
CA PHE C 121 -4.44 -24.32 -7.57
C PHE C 121 -3.07 -24.12 -8.21
N THR C 122 -2.02 -24.47 -7.47
CA THR C 122 -0.64 -24.27 -7.88
C THR C 122 0.05 -25.62 -8.05
N GLY C 123 -0.61 -26.52 -8.76
CA GLY C 123 -0.08 -27.84 -9.04
C GLY C 123 0.32 -27.98 -10.50
N SER C 124 0.48 -29.24 -10.90
CA SER C 124 0.84 -29.54 -12.26
C SER C 124 -0.36 -29.40 -13.19
N PHE C 125 -0.07 -29.25 -14.48
CA PHE C 125 -1.11 -29.23 -15.49
C PHE C 125 -1.80 -30.57 -15.60
N MET C 126 -1.09 -31.65 -15.27
CA MET C 126 -1.62 -32.99 -15.38
C MET C 126 -2.42 -33.41 -14.16
N ALA C 127 -2.19 -32.79 -13.02
CA ALA C 127 -2.94 -33.09 -11.81
C ALA C 127 -4.37 -32.63 -11.96
N THR C 128 -5.29 -33.51 -11.55
CA THR C 128 -6.72 -33.24 -11.53
C THR C 128 -7.23 -33.31 -10.11
N GLY C 129 -8.45 -32.84 -9.91
CA GLY C 129 -9.09 -32.93 -8.64
C GLY C 129 -10.36 -32.14 -8.51
N LYS C 130 -11.19 -32.53 -7.54
CA LYS C 130 -12.42 -31.85 -7.22
C LYS C 130 -12.51 -31.68 -5.72
N MET C 131 -12.95 -30.50 -5.29
CA MET C 131 -12.98 -30.12 -3.90
C MET C 131 -14.29 -29.43 -3.59
N LEU C 132 -14.74 -29.60 -2.35
CA LEU C 132 -15.97 -28.97 -1.85
C LEU C 132 -15.59 -27.92 -0.82
N ILE C 133 -15.96 -26.68 -1.09
CA ILE C 133 -15.63 -25.54 -0.25
C ILE C 133 -16.94 -25.04 0.34
N ALA C 134 -17.17 -25.35 1.61
CA ALA C 134 -18.45 -25.12 2.26
C ALA C 134 -18.37 -23.96 3.23
N TYR C 135 -19.30 -23.02 3.11
CA TYR C 135 -19.51 -21.97 4.09
C TYR C 135 -20.67 -22.38 4.99
N THR C 136 -20.40 -22.49 6.28
CA THR C 136 -21.36 -22.93 7.27
C THR C 136 -21.86 -21.74 8.05
N PRO C 137 -23.08 -21.26 7.88
CA PRO C 137 -23.52 -20.09 8.62
C PRO C 137 -23.60 -20.36 10.12
N PRO C 138 -23.82 -19.32 10.92
CA PRO C 138 -23.64 -19.46 12.37
C PRO C 138 -24.67 -20.37 13.01
N GLY C 139 -24.29 -20.86 14.18
CA GLY C 139 -25.01 -21.92 14.86
C GLY C 139 -24.43 -23.26 14.52
N GLY C 140 -24.09 -23.43 13.24
CA GLY C 140 -23.50 -24.66 12.76
C GLY C 140 -22.14 -24.87 13.37
N PRO C 141 -21.96 -25.95 14.15
CA PRO C 141 -20.62 -26.23 14.66
C PRO C 141 -19.70 -26.69 13.56
N LEU C 142 -18.48 -27.05 13.91
CA LEU C 142 -17.54 -27.55 12.93
C LEU C 142 -18.08 -28.86 12.35
N PRO C 143 -18.35 -28.94 11.05
CA PRO C 143 -18.82 -30.22 10.50
C PRO C 143 -17.77 -31.30 10.65
N LYS C 144 -18.23 -32.46 11.09
CA LYS C 144 -17.36 -33.61 11.30
C LYS C 144 -17.14 -34.38 10.01
N ASP C 145 -18.00 -34.20 9.02
CA ASP C 145 -17.89 -34.90 7.76
C ASP C 145 -18.45 -34.01 6.66
N ARG C 146 -18.28 -34.46 5.42
CA ARG C 146 -18.68 -33.69 4.26
C ARG C 146 -20.19 -33.67 4.07
N ALA C 147 -20.88 -34.70 4.55
CA ALA C 147 -22.33 -34.73 4.42
C ALA C 147 -22.98 -33.62 5.23
N THR C 148 -22.42 -33.29 6.39
CA THR C 148 -22.95 -32.22 7.22
C THR C 148 -22.64 -30.85 6.65
N ALA C 149 -21.62 -30.76 5.80
CA ALA C 149 -21.16 -29.49 5.27
C ALA C 149 -21.81 -29.10 3.95
N MET C 150 -22.23 -30.06 3.14
CA MET C 150 -22.91 -29.74 1.90
C MET C 150 -24.31 -29.20 2.11
N LEU C 151 -24.84 -29.26 3.33
CA LEU C 151 -26.12 -28.64 3.62
C LEU C 151 -26.03 -27.12 3.67
N GLY C 152 -24.84 -26.56 3.72
CA GLY C 152 -24.64 -25.13 3.72
C GLY C 152 -24.42 -24.57 2.35
N THR C 153 -23.96 -23.34 2.32
CA THR C 153 -23.53 -22.71 1.08
C THR C 153 -22.17 -23.28 0.71
N HIS C 154 -22.03 -23.70 -0.54
CA HIS C 154 -20.84 -24.43 -0.95
C HIS C 154 -20.60 -24.24 -2.44
N VAL C 155 -19.35 -24.52 -2.83
CA VAL C 155 -18.94 -24.56 -4.22
C VAL C 155 -18.17 -25.84 -4.43
N ILE C 156 -18.43 -26.53 -5.52
CA ILE C 156 -17.61 -27.66 -5.97
C ILE C 156 -16.70 -27.15 -7.07
N TRP C 157 -15.40 -27.25 -6.83
CA TRP C 157 -14.37 -26.69 -7.70
C TRP C 157 -13.66 -27.81 -8.42
N ASP C 158 -13.71 -27.78 -9.74
CA ASP C 158 -12.99 -28.71 -10.60
C ASP C 158 -11.74 -28.04 -11.13
N PHE C 159 -10.57 -28.62 -10.84
CA PHE C 159 -9.32 -28.08 -11.34
C PHE C 159 -9.28 -28.20 -12.86
N GLY C 160 -8.65 -27.22 -13.49
CA GLY C 160 -8.53 -27.22 -14.93
C GLY C 160 -7.67 -26.09 -15.45
N LEU C 161 -8.01 -25.57 -16.63
CA LEU C 161 -7.28 -24.44 -17.16
C LEU C 161 -7.48 -23.22 -16.27
N GLN C 162 -8.73 -22.87 -16.00
CA GLN C 162 -9.02 -21.87 -14.99
C GLN C 162 -8.65 -22.46 -13.64
N SER C 163 -7.51 -22.03 -13.12
CA SER C 163 -6.92 -22.59 -11.92
C SER C 163 -7.49 -22.00 -10.65
N SER C 164 -8.55 -21.21 -10.73
CA SER C 164 -9.03 -20.46 -9.59
C SER C 164 -10.55 -20.46 -9.55
N VAL C 165 -11.10 -20.72 -8.37
CA VAL C 165 -12.51 -20.53 -8.08
C VAL C 165 -12.65 -19.41 -7.08
N THR C 166 -13.85 -18.84 -7.04
CA THR C 166 -14.21 -17.86 -6.04
C THR C 166 -15.43 -18.35 -5.27
N LEU C 167 -15.25 -18.62 -3.98
CA LEU C 167 -16.34 -18.78 -3.04
C LEU C 167 -16.72 -17.40 -2.51
N VAL C 168 -17.95 -16.99 -2.78
CA VAL C 168 -18.52 -15.79 -2.19
C VAL C 168 -19.16 -16.18 -0.87
N ILE C 169 -18.66 -15.60 0.20
CA ILE C 169 -19.26 -15.74 1.53
C ILE C 169 -20.32 -14.66 1.66
N PRO C 170 -21.61 -14.95 1.51
CA PRO C 170 -22.58 -13.86 1.42
C PRO C 170 -23.06 -13.39 2.77
N TRP C 171 -23.63 -12.19 2.76
CA TRP C 171 -24.16 -11.55 3.96
C TRP C 171 -25.40 -12.29 4.42
N ILE C 172 -25.23 -13.12 5.43
CA ILE C 172 -26.34 -13.85 6.06
C ILE C 172 -26.26 -13.52 7.55
N SER C 173 -26.99 -12.48 7.95
CA SER C 173 -26.83 -11.88 9.25
C SER C 173 -28.17 -11.36 9.75
N ASN C 174 -28.29 -11.30 11.07
CA ASN C 174 -29.47 -10.72 11.71
C ASN C 174 -29.39 -9.21 11.76
N THR C 175 -28.24 -8.68 12.13
CA THR C 175 -27.99 -7.25 12.17
C THR C 175 -27.55 -6.72 10.81
N HIS C 176 -27.94 -5.47 10.54
CA HIS C 176 -27.47 -4.80 9.34
C HIS C 176 -25.96 -4.65 9.32
N TYR C 177 -25.38 -4.45 10.49
CA TYR C 177 -23.94 -4.35 10.66
C TYR C 177 -23.49 -5.41 11.65
N ARG C 178 -22.20 -5.62 11.68
CA ARG C 178 -21.59 -6.72 12.40
C ARG C 178 -20.25 -6.23 12.92
N ALA C 179 -20.04 -6.42 14.21
CA ALA C 179 -18.83 -5.97 14.87
C ALA C 179 -17.82 -7.12 14.91
N HIS C 180 -16.73 -6.92 15.65
CA HIS C 180 -15.66 -7.90 15.67
C HIS C 180 -15.93 -8.92 16.76
N ALA C 181 -15.70 -10.19 16.41
CA ALA C 181 -16.01 -11.29 17.29
C ALA C 181 -14.79 -11.75 18.07
N ARG C 182 -15.05 -12.39 19.18
CA ARG C 182 -14.03 -12.95 20.04
C ARG C 182 -14.72 -13.90 21.01
N ASP C 183 -13.93 -14.67 21.75
CA ASP C 183 -14.50 -15.66 22.65
C ASP C 183 -15.23 -14.96 23.79
N GLY C 184 -16.55 -15.08 23.80
CA GLY C 184 -17.40 -14.41 24.75
C GLY C 184 -18.73 -14.07 24.13
N VAL C 185 -19.40 -13.04 24.65
CA VAL C 185 -20.70 -12.66 24.13
C VAL C 185 -20.63 -11.97 22.78
N PHE C 186 -19.44 -11.70 22.28
CA PHE C 186 -19.27 -11.11 20.96
C PHE C 186 -19.16 -12.16 19.86
N ASP C 187 -19.20 -13.45 20.22
CA ASP C 187 -19.52 -14.52 19.30
C ASP C 187 -20.91 -14.39 18.69
N TYR C 188 -21.76 -13.55 19.27
CA TYR C 188 -22.99 -13.11 18.63
C TYR C 188 -22.75 -12.56 17.23
N TYR C 189 -21.56 -12.00 17.01
CA TYR C 189 -21.18 -11.41 15.73
C TYR C 189 -20.29 -12.34 14.90
N THR C 190 -20.24 -13.62 15.24
CA THR C 190 -19.54 -14.57 14.40
C THR C 190 -20.25 -14.68 13.05
N THR C 191 -19.45 -14.97 12.03
CA THR C 191 -19.91 -14.99 10.65
C THR C 191 -20.13 -16.40 10.13
N GLY C 192 -19.44 -17.37 10.70
CA GLY C 192 -19.54 -18.76 10.34
C GLY C 192 -18.18 -19.36 10.15
N LEU C 193 -18.16 -20.50 9.47
CA LEU C 193 -16.95 -21.24 9.18
C LEU C 193 -16.82 -21.45 7.68
N VAL C 194 -15.60 -21.76 7.26
CA VAL C 194 -15.33 -22.16 5.89
C VAL C 194 -14.44 -23.40 5.95
N SER C 195 -14.85 -24.45 5.26
CA SER C 195 -14.14 -25.72 5.24
C SER C 195 -13.93 -26.16 3.81
N ILE C 196 -12.87 -26.93 3.60
CA ILE C 196 -12.51 -27.48 2.30
C ILE C 196 -12.43 -28.99 2.44
N TRP C 197 -13.18 -29.70 1.60
CA TRP C 197 -13.28 -31.15 1.64
C TRP C 197 -12.87 -31.70 0.28
N TYR C 198 -12.23 -32.86 0.29
CA TYR C 198 -11.97 -33.58 -0.93
C TYR C 198 -13.28 -34.12 -1.47
N GLN C 199 -13.61 -33.76 -2.70
CA GLN C 199 -14.80 -34.30 -3.33
C GLN C 199 -14.53 -35.68 -3.90
N THR C 200 -13.61 -35.78 -4.85
CA THR C 200 -13.22 -37.08 -5.41
C THR C 200 -11.86 -37.54 -4.90
N ASN C 201 -10.80 -36.84 -5.32
CA ASN C 201 -9.41 -37.11 -4.91
C ASN C 201 -8.53 -36.13 -5.66
N TYR C 202 -7.24 -36.13 -5.30
CA TYR C 202 -6.20 -35.46 -6.06
C TYR C 202 -5.51 -36.54 -6.88
N VAL C 203 -5.89 -36.64 -8.13
CA VAL C 203 -5.38 -37.65 -9.04
C VAL C 203 -4.22 -37.06 -9.81
N VAL C 204 -3.14 -37.82 -9.91
CA VAL C 204 -1.91 -37.33 -10.54
C VAL C 204 -1.32 -38.48 -11.34
N PRO C 205 -0.70 -38.24 -12.50
CA PRO C 205 -0.03 -39.34 -13.20
C PRO C 205 1.36 -39.64 -12.67
N ILE C 206 1.94 -40.72 -13.16
CA ILE C 206 3.30 -41.10 -12.78
C ILE C 206 4.28 -40.13 -13.42
N GLY C 207 5.25 -39.69 -12.64
CA GLY C 207 6.23 -38.71 -13.04
C GLY C 207 5.98 -37.32 -12.53
N ALA C 208 4.78 -36.99 -12.25
CA ALA C 208 4.42 -35.71 -11.65
C ALA C 208 4.47 -35.80 -10.14
N PRO C 209 4.54 -34.68 -9.42
CA PRO C 209 4.68 -34.78 -7.96
C PRO C 209 3.36 -35.09 -7.29
N ASN C 210 3.44 -35.86 -6.21
CA ASN C 210 2.24 -36.35 -5.53
C ASN C 210 1.58 -35.29 -4.66
N THR C 211 2.12 -34.08 -4.58
CA THR C 211 1.64 -33.05 -3.67
C THR C 211 1.63 -31.71 -4.38
N ALA C 212 0.64 -30.89 -4.06
CA ALA C 212 0.56 -29.51 -4.51
C ALA C 212 0.12 -28.64 -3.34
N TYR C 213 -0.09 -27.36 -3.64
CA TYR C 213 -0.45 -26.37 -2.65
C TYR C 213 -1.49 -25.45 -3.25
N ILE C 214 -2.31 -24.87 -2.38
CA ILE C 214 -3.37 -23.96 -2.78
C ILE C 214 -3.16 -22.65 -2.04
N ILE C 215 -3.21 -21.55 -2.80
CA ILE C 215 -3.03 -20.20 -2.27
C ILE C 215 -4.38 -19.53 -2.24
N ALA C 216 -4.81 -19.14 -1.05
CA ALA C 216 -6.09 -18.46 -0.87
C ALA C 216 -5.90 -16.96 -0.90
N LEU C 217 -6.88 -16.27 -1.47
CA LEU C 217 -6.83 -14.84 -1.71
C LEU C 217 -8.20 -14.28 -1.33
N ALA C 218 -8.23 -13.37 -0.37
CA ALA C 218 -9.48 -12.93 0.23
C ALA C 218 -9.66 -11.43 0.04
N ALA C 219 -10.91 -11.03 -0.21
CA ALA C 219 -11.26 -9.65 -0.46
C ALA C 219 -12.68 -9.42 0.02
N ALA C 220 -13.26 -8.32 -0.42
CA ALA C 220 -14.63 -7.95 -0.12
C ALA C 220 -15.38 -7.63 -1.41
N GLN C 221 -16.68 -7.57 -1.31
CA GLN C 221 -17.58 -7.36 -2.43
C GLN C 221 -18.06 -5.91 -2.47
N LYS C 222 -18.76 -5.57 -3.54
CA LYS C 222 -19.18 -4.21 -3.81
C LYS C 222 -20.23 -3.69 -2.84
N ASN C 223 -20.82 -4.54 -2.02
CA ASN C 223 -21.78 -4.14 -1.02
C ASN C 223 -21.15 -3.97 0.36
N PHE C 224 -19.83 -4.00 0.44
CA PHE C 224 -19.12 -3.96 1.71
C PHE C 224 -18.91 -2.53 2.16
N THR C 225 -19.17 -2.29 3.45
CA THR C 225 -18.92 -1.02 4.08
C THR C 225 -18.39 -1.28 5.48
N MET C 226 -17.69 -0.29 6.01
CA MET C 226 -17.26 -0.27 7.39
C MET C 226 -17.78 1.00 8.03
N LYS C 227 -17.79 1.02 9.36
CA LYS C 227 -18.44 2.08 10.11
C LYS C 227 -17.78 2.24 11.47
N LEU C 228 -17.90 3.45 12.01
CA LEU C 228 -17.44 3.79 13.36
C LEU C 228 -15.93 3.56 13.51
N CYS C 229 -15.19 4.45 12.85
CA CYS C 229 -13.73 4.42 12.87
C CYS C 229 -13.19 4.43 14.30
N LYS C 230 -12.12 3.65 14.51
CA LYS C 230 -11.50 3.48 15.81
C LYS C 230 -10.01 3.32 15.62
N ASP C 231 -9.33 2.85 16.66
CA ASP C 231 -7.93 2.48 16.60
C ASP C 231 -7.79 0.97 16.61
N THR C 232 -6.74 0.49 15.95
CA THR C 232 -6.57 -0.94 15.74
C THR C 232 -6.06 -1.61 17.01
N SER C 233 -6.41 -2.89 17.16
CA SER C 233 -6.10 -3.66 18.35
C SER C 233 -5.16 -4.81 18.04
N HIS C 234 -5.30 -5.42 16.87
CA HIS C 234 -4.45 -6.56 16.52
C HIS C 234 -3.20 -6.11 15.76
N ILE C 235 -2.55 -5.08 16.29
CA ILE C 235 -1.12 -4.87 16.17
C ILE C 235 -0.78 -3.85 17.25
N LEU C 236 0.25 -4.13 18.04
CA LEU C 236 0.64 -3.27 19.14
C LEU C 236 2.16 -3.12 19.13
N GLN C 237 2.62 -2.10 19.85
CA GLN C 237 4.00 -1.66 19.79
C GLN C 237 4.64 -1.77 21.17
N THR C 238 5.76 -2.50 21.24
CA THR C 238 6.66 -2.37 22.36
C THR C 238 7.19 -0.95 22.45
N ALA C 239 7.19 -0.41 23.67
CA ALA C 239 7.45 1.00 23.88
C ALA C 239 8.89 1.34 23.53
N SER C 240 9.26 2.60 23.75
CA SER C 240 10.59 3.14 23.48
C SER C 240 10.93 3.03 21.98
N ILE C 241 10.17 3.77 21.20
CA ILE C 241 10.43 3.95 19.78
C ILE C 241 11.55 4.97 19.58
N GLN C 242 12.63 4.54 18.94
CA GLN C 242 13.81 5.36 18.73
C GLN C 242 14.32 5.93 20.05
N SER D 12 -16.03 36.14 0.26
CA SER D 12 -16.19 35.55 -1.06
C SER D 12 -14.84 35.47 -1.77
N HIS D 13 -14.20 36.62 -1.94
CA HIS D 13 -12.86 36.66 -2.50
C HIS D 13 -11.87 36.14 -1.46
N GLU D 14 -11.13 35.10 -1.82
CA GLU D 14 -10.31 34.36 -0.87
C GLU D 14 -9.18 33.71 -1.64
N ASN D 15 -8.04 33.57 -0.96
CA ASN D 15 -6.90 32.87 -1.55
C ASN D 15 -7.23 31.39 -1.70
N SER D 16 -7.16 30.91 -2.94
CA SER D 16 -7.41 29.49 -3.24
C SER D 16 -6.09 28.76 -3.10
N ASN D 17 -5.74 28.49 -1.84
CA ASN D 17 -4.43 27.98 -1.47
C ASN D 17 -4.56 26.80 -0.52
N SER D 18 -5.59 26.00 -0.72
CA SER D 18 -5.70 24.71 -0.05
C SER D 18 -5.00 23.63 -0.87
N ALA D 19 -4.87 22.47 -0.26
CA ALA D 19 -4.18 21.35 -0.88
C ALA D 19 -5.03 20.59 -1.89
N THR D 20 -6.33 20.90 -1.98
CA THR D 20 -7.25 20.21 -2.87
C THR D 20 -7.77 21.10 -3.99
N GLU D 21 -7.45 22.39 -3.97
CA GLU D 21 -7.78 23.25 -5.08
C GLU D 21 -7.00 22.78 -6.31
N GLY D 22 -7.72 22.48 -7.38
CA GLY D 22 -7.15 21.84 -8.54
C GLY D 22 -7.57 20.39 -8.67
N SER D 23 -8.83 20.11 -8.37
CA SER D 23 -9.41 18.79 -8.59
C SER D 23 -10.90 18.96 -8.84
N THR D 24 -11.48 17.99 -9.53
CA THR D 24 -12.89 18.07 -9.92
C THR D 24 -13.85 17.69 -8.80
N ILE D 25 -13.35 17.50 -7.58
CA ILE D 25 -14.18 17.08 -6.45
C ILE D 25 -14.63 18.33 -5.71
N ASN D 26 -15.92 18.37 -5.36
CA ASN D 26 -16.58 19.56 -4.85
C ASN D 26 -16.72 19.45 -3.33
N TYR D 27 -16.15 20.44 -2.62
CA TYR D 27 -16.18 20.48 -1.16
C TYR D 27 -17.11 21.60 -0.71
N THR D 28 -17.52 21.52 0.55
CA THR D 28 -18.30 22.58 1.20
C THR D 28 -17.75 22.83 2.59
N THR D 29 -16.82 23.78 2.69
CA THR D 29 -16.10 24.10 3.91
C THR D 29 -16.61 25.40 4.51
N ILE D 30 -16.23 25.61 5.77
CA ILE D 30 -16.48 26.85 6.49
C ILE D 30 -15.14 27.50 6.79
N ASN D 31 -15.07 28.82 6.60
CA ASN D 31 -13.85 29.56 6.92
C ASN D 31 -14.18 30.96 7.42
N TYR D 32 -13.31 31.46 8.30
CA TYR D 32 -13.38 32.81 8.84
C TYR D 32 -12.14 33.61 8.54
N TYR D 33 -11.31 33.15 7.61
CA TYR D 33 -10.02 33.73 7.27
C TYR D 33 -9.92 33.86 5.76
N LYS D 34 -8.82 34.46 5.30
CA LYS D 34 -8.59 34.68 3.88
C LYS D 34 -7.85 33.54 3.22
N ASP D 35 -7.24 32.66 4.01
CA ASP D 35 -6.56 31.48 3.51
C ASP D 35 -7.52 30.30 3.48
N SER D 36 -7.50 29.58 2.35
CA SER D 36 -8.43 28.48 2.17
C SER D 36 -8.03 27.24 2.94
N TYR D 37 -6.77 27.12 3.32
CA TYR D 37 -6.30 25.95 4.04
C TYR D 37 -6.65 25.97 5.52
N ALA D 38 -7.14 27.08 6.04
CA ALA D 38 -7.61 27.15 7.41
C ALA D 38 -9.03 26.63 7.56
N ALA D 39 -9.72 26.41 6.45
CA ALA D 39 -11.11 26.03 6.44
C ALA D 39 -11.31 24.65 7.07
N THR D 40 -12.58 24.35 7.31
CA THR D 40 -12.97 23.02 7.72
C THR D 40 -12.62 22.01 6.64
N ALA D 41 -12.49 20.76 7.05
CA ALA D 41 -12.24 19.69 6.10
C ALA D 41 -13.44 19.48 5.19
N GLY D 42 -14.62 19.37 5.76
CA GLY D 42 -15.84 19.26 5.00
C GLY D 42 -16.12 17.85 4.54
N LYS D 43 -17.13 17.75 3.68
CA LYS D 43 -17.57 16.50 3.09
C LYS D 43 -16.92 16.34 1.72
N GLN D 44 -16.25 15.21 1.52
CA GLN D 44 -15.70 14.89 0.21
C GLN D 44 -16.77 14.27 -0.68
N SER D 45 -16.44 14.16 -1.96
CA SER D 45 -17.29 13.45 -2.89
C SER D 45 -17.12 11.95 -2.67
N LEU D 46 -18.23 11.23 -2.77
CA LEU D 46 -18.24 9.78 -2.58
C LEU D 46 -18.16 9.05 -3.92
N LYS D 47 -17.00 9.19 -4.52
CA LYS D 47 -16.65 8.53 -5.77
C LYS D 47 -15.56 7.50 -5.49
N GLN D 48 -15.55 6.44 -6.29
CA GLN D 48 -14.65 5.32 -6.11
C GLN D 48 -14.12 4.85 -7.46
N ASP D 49 -12.95 4.24 -7.41
CA ASP D 49 -12.32 3.64 -8.60
C ASP D 49 -11.60 2.39 -8.15
N PRO D 50 -12.34 1.29 -7.93
CA PRO D 50 -11.68 0.07 -7.46
C PRO D 50 -10.94 -0.67 -8.57
N ASP D 51 -11.39 -0.53 -9.81
CA ASP D 51 -10.74 -1.17 -10.94
C ASP D 51 -9.32 -0.67 -11.17
N LYS D 52 -8.99 0.50 -10.64
CA LYS D 52 -7.63 1.02 -10.72
C LYS D 52 -6.64 0.12 -10.00
N PHE D 53 -7.10 -0.66 -9.04
CA PHE D 53 -6.28 -1.59 -8.27
C PHE D 53 -6.74 -3.02 -8.39
N ALA D 54 -8.04 -3.23 -8.59
CA ALA D 54 -8.64 -4.56 -8.58
C ALA D 54 -8.85 -5.15 -9.95
N ASN D 55 -8.98 -4.32 -10.99
CA ASN D 55 -9.07 -4.79 -12.37
C ASN D 55 -8.24 -3.89 -13.28
N PRO D 56 -6.90 -3.86 -13.07
CA PRO D 56 -6.03 -2.98 -13.88
C PRO D 56 -5.45 -3.71 -15.10
N VAL D 57 -6.33 -4.09 -16.01
CA VAL D 57 -5.97 -4.91 -17.16
C VAL D 57 -6.24 -4.14 -18.44
N LYS D 58 -5.44 -4.45 -19.46
CA LYS D 58 -5.63 -3.80 -20.75
C LYS D 58 -6.95 -4.24 -21.38
N ASP D 59 -7.12 -5.54 -21.54
CA ASP D 59 -8.30 -6.13 -22.18
C ASP D 59 -9.16 -6.76 -21.12
N ILE D 60 -10.26 -6.11 -20.76
CA ILE D 60 -11.11 -6.58 -19.67
C ILE D 60 -11.81 -7.87 -20.08
N PHE D 61 -12.34 -8.55 -19.08
CA PHE D 61 -13.15 -9.75 -19.27
C PHE D 61 -14.45 -9.59 -18.48
N THR D 62 -15.48 -10.26 -18.97
CA THR D 62 -16.77 -10.24 -18.30
C THR D 62 -16.84 -11.37 -17.26
N GLU D 63 -17.93 -11.37 -16.50
CA GLU D 63 -18.06 -12.29 -15.38
C GLU D 63 -18.33 -13.71 -15.84
N MET D 64 -19.29 -13.89 -16.75
CA MET D 64 -19.72 -15.23 -17.12
C MET D 64 -18.69 -15.94 -17.99
N ALA D 65 -17.85 -15.20 -18.69
CA ALA D 65 -16.90 -15.77 -19.62
C ALA D 65 -15.73 -16.39 -18.87
N ALA D 66 -15.11 -17.37 -19.50
CA ALA D 66 -13.85 -17.90 -19.01
C ALA D 66 -12.72 -16.97 -19.48
N PRO D 67 -11.94 -16.37 -18.58
CA PRO D 67 -11.04 -15.30 -19.03
C PRO D 67 -9.91 -15.78 -19.92
N LEU D 68 -9.31 -16.91 -19.59
CA LEU D 68 -8.22 -17.49 -20.39
C LEU D 68 -8.82 -18.09 -21.66
N LYS D 69 -9.00 -17.24 -22.66
CA LYS D 69 -9.64 -17.63 -23.92
C LYS D 69 -8.68 -17.44 -25.08
C1 SPH E . 10.00 12.68 7.81
O1 SPH E . 9.98 11.26 7.82
C2 SPH E . 8.89 13.26 6.95
N2 SPH E . 8.72 12.51 5.69
C3 SPH E . 7.58 13.39 7.73
O3 SPH E . 7.85 13.67 9.10
C4 SPH E . 6.68 14.45 7.17
C5 SPH E . 6.16 15.43 7.86
C6 SPH E . 5.13 16.39 7.35
C7 SPH E . 4.71 17.39 8.38
C8 SPH E . 4.16 18.68 7.79
C9 SPH E . 3.78 19.72 8.81
C10 SPH E . 4.92 20.59 9.29
C11 SPH E . 4.52 21.99 9.71
C12 SPH E . 4.99 22.40 11.08
C13 SPH E . 3.98 23.20 11.86
C14 SPH E . 4.57 24.02 12.97
C15 SPH E . 3.79 25.28 13.30
C16 SPH E . 4.14 25.92 14.62
C17 SPH E . 3.88 27.40 14.66
C18 SPH E . 3.76 27.99 16.04
#